data_8J2Y
#
_entry.id   8J2Y
#
_cell.length_a   108.773
_cell.length_b   125.836
_cell.length_c   124.630
_cell.angle_alpha   90.00
_cell.angle_beta   90.00
_cell.angle_gamma   90.00
#
_symmetry.space_group_name_H-M   'C 2 2 21'
#
loop_
_entity.id
_entity.type
_entity.pdbx_description
1 polymer 'GGDEF domain-containing protein'
2 non-polymer COBALAMIN
3 non-polymer "5'-DEOXYADENOSINE"
4 non-polymer DI(HYDROXYETHYL)ETHER
5 non-polymer 'THIOCYANATE ION'
6 water water
#
_entity_poly.entity_id   1
_entity_poly.type   'polypeptide(L)'
_entity_poly.pdbx_seq_one_letter_code
;MEAPASYVEPYLGDAIVGNRRPAVRLTLDLLDHRVPEADIVEDLLAAAQREVGERWYRNELSPADEHLASGVAGAALDAL
AAELPPPTRDGLVVVACAEGDWHSLSAQMFGETLRASGFDVSVLGASTPRTAVVDFLTRAGGDSLAVSCNMPIFFPGVAQ
LINAAHEIGVPVIVGGRAFGDDDRRAARLGADAWAAGASEAAEILAGWHARRPEVGSEPAPLDGAALRLFAASSTLATAT
VDELTASSSPILDLDADQVDQLREHLVFAVQFLAAARLVDDDSIFEDFLVWIDELLRTRDVPREVLAAGLEGLRAKVIAV
DPGATRLLDAAWSSQPVEVADGDGLEHHHHHH
;
_entity_poly.pdbx_strand_id   A,B
#
# COMPACT_ATOMS: atom_id res chain seq x y z
N GLU A 2 -21.97 -26.20 -10.31
CA GLU A 2 -22.78 -24.98 -10.11
C GLU A 2 -22.07 -23.73 -10.63
N ALA A 3 -22.82 -22.63 -10.68
CA ALA A 3 -22.30 -21.36 -11.17
C ALA A 3 -21.35 -20.72 -10.15
N PRO A 4 -20.22 -20.13 -10.59
CA PRO A 4 -19.33 -19.39 -9.68
C PRO A 4 -20.02 -18.51 -8.66
N ALA A 5 -21.05 -17.75 -9.08
CA ALA A 5 -21.79 -16.86 -8.20
C ALA A 5 -22.32 -17.52 -6.92
N SER A 6 -22.81 -18.76 -7.04
CA SER A 6 -23.40 -19.43 -5.90
C SER A 6 -22.35 -19.88 -4.88
N TYR A 7 -21.06 -19.77 -5.22
CA TYR A 7 -20.00 -20.16 -4.30
C TYR A 7 -19.43 -18.99 -3.50
N VAL A 8 -19.98 -17.77 -3.66
CA VAL A 8 -19.46 -16.62 -2.94
C VAL A 8 -19.42 -16.81 -1.42
N GLU A 9 -20.53 -17.31 -0.87
CA GLU A 9 -20.69 -17.45 0.57
C GLU A 9 -19.68 -18.43 1.16
N PRO A 10 -19.59 -19.70 0.70
CA PRO A 10 -18.53 -20.60 1.18
C PRO A 10 -17.10 -20.10 0.91
N TYR A 11 -16.89 -19.42 -0.22
CA TYR A 11 -15.60 -18.82 -0.49
C TYR A 11 -15.22 -17.85 0.63
N LEU A 12 -16.12 -16.90 0.92
CA LEU A 12 -15.93 -15.89 1.96
C LEU A 12 -15.73 -16.46 3.36
N GLY A 13 -16.53 -17.48 3.69
CA GLY A 13 -16.41 -18.19 4.95
C GLY A 13 -14.96 -18.53 5.24
N ASP A 14 -14.25 -19.03 4.21
CA ASP A 14 -12.86 -19.38 4.34
C ASP A 14 -11.94 -18.18 4.15
N ALA A 15 -12.23 -17.31 3.18
CA ALA A 15 -11.29 -16.27 2.81
C ALA A 15 -11.10 -15.23 3.91
N ILE A 16 -12.20 -14.88 4.57
CA ILE A 16 -12.21 -13.85 5.61
C ILE A 16 -11.43 -14.26 6.86
N VAL A 17 -11.34 -15.57 7.14
CA VAL A 17 -10.48 -16.07 8.20
C VAL A 17 -9.08 -16.52 7.74
N GLY A 18 -8.69 -16.17 6.50
CA GLY A 18 -7.36 -16.50 5.99
C GLY A 18 -7.15 -17.96 5.65
N ASN A 19 -8.22 -18.75 5.51
CA ASN A 19 -8.11 -20.17 5.20
C ASN A 19 -8.02 -20.35 3.70
N ARG A 20 -6.83 -20.05 3.19
CA ARG A 20 -6.53 -19.96 1.76
CA ARG A 20 -6.52 -19.97 1.76
C ARG A 20 -6.88 -21.20 0.94
N ARG A 21 -6.50 -22.37 1.43
CA ARG A 21 -6.43 -23.56 0.61
C ARG A 21 -7.77 -24.01 0.05
N PRO A 22 -8.83 -24.15 0.89
CA PRO A 22 -10.14 -24.56 0.37
C PRO A 22 -10.74 -23.51 -0.58
N ALA A 23 -10.52 -22.22 -0.28
CA ALA A 23 -10.99 -21.14 -1.11
C ALA A 23 -10.32 -21.06 -2.49
N VAL A 24 -9.00 -21.29 -2.57
CA VAL A 24 -8.29 -21.36 -3.84
C VAL A 24 -8.73 -22.63 -4.60
N ARG A 25 -9.02 -23.68 -3.83
CA ARG A 25 -9.42 -24.94 -4.42
C ARG A 25 -10.77 -24.83 -5.15
N LEU A 26 -11.74 -24.12 -4.58
CA LEU A 26 -12.98 -23.77 -5.28
C LEU A 26 -12.71 -23.13 -6.64
N THR A 27 -11.81 -22.15 -6.67
CA THR A 27 -11.49 -21.47 -7.93
C THR A 27 -10.93 -22.49 -8.92
N LEU A 28 -10.03 -23.38 -8.47
CA LEU A 28 -9.46 -24.38 -9.36
C LEU A 28 -10.42 -25.53 -9.73
N ASP A 29 -11.39 -25.83 -8.86
CA ASP A 29 -12.42 -26.82 -9.16
C ASP A 29 -13.37 -26.35 -10.28
N LEU A 30 -13.79 -25.08 -10.21
CA LEU A 30 -14.55 -24.46 -11.29
C LEU A 30 -13.76 -24.51 -12.60
N LEU A 31 -12.47 -24.12 -12.56
CA LEU A 31 -11.66 -24.15 -13.76
C LEU A 31 -11.57 -25.53 -14.39
N ASP A 32 -11.43 -26.59 -13.54
CA ASP A 32 -11.43 -27.97 -13.99
C ASP A 32 -12.77 -28.40 -14.55
N HIS A 33 -13.85 -27.74 -14.12
CA HIS A 33 -15.19 -27.98 -14.62
C HIS A 33 -15.50 -27.09 -15.84
N ARG A 34 -14.46 -26.56 -16.49
CA ARG A 34 -14.57 -25.87 -17.77
C ARG A 34 -15.20 -24.47 -17.68
N VAL A 35 -15.33 -23.93 -16.45
CA VAL A 35 -15.82 -22.57 -16.27
C VAL A 35 -14.74 -21.61 -16.75
N PRO A 36 -15.08 -20.65 -17.64
CA PRO A 36 -14.12 -19.63 -18.06
C PRO A 36 -13.58 -18.86 -16.86
N GLU A 37 -12.27 -18.56 -16.92
CA GLU A 37 -11.60 -17.82 -15.86
C GLU A 37 -12.28 -16.48 -15.61
N ALA A 38 -12.62 -15.76 -16.70
CA ALA A 38 -13.26 -14.47 -16.60
C ALA A 38 -14.44 -14.52 -15.66
N ASP A 39 -15.27 -15.56 -15.80
CA ASP A 39 -16.46 -15.73 -14.97
C ASP A 39 -16.10 -15.96 -13.50
N ILE A 40 -15.04 -16.78 -13.29
CA ILE A 40 -14.60 -17.13 -11.96
C ILE A 40 -14.20 -15.84 -11.28
N VAL A 41 -13.37 -15.06 -11.97
CA VAL A 41 -12.84 -13.81 -11.44
C VAL A 41 -13.96 -12.82 -11.13
N GLU A 42 -14.91 -12.66 -12.06
CA GLU A 42 -15.93 -11.63 -11.92
C GLU A 42 -16.99 -12.08 -10.92
N ASP A 43 -17.51 -13.30 -11.13
CA ASP A 43 -18.67 -13.75 -10.39
C ASP A 43 -18.40 -14.29 -8.98
N LEU A 44 -17.18 -14.78 -8.73
CA LEU A 44 -16.81 -15.25 -7.40
C LEU A 44 -15.87 -14.28 -6.71
N LEU A 45 -14.64 -14.13 -7.24
CA LEU A 45 -13.61 -13.35 -6.62
C LEU A 45 -13.96 -11.87 -6.44
N ALA A 46 -14.34 -11.19 -7.54
CA ALA A 46 -14.61 -9.76 -7.45
C ALA A 46 -15.85 -9.51 -6.58
N ALA A 47 -16.87 -10.34 -6.82
CA ALA A 47 -18.11 -10.30 -6.08
C ALA A 47 -17.89 -10.46 -4.57
N ALA A 48 -17.06 -11.46 -4.18
CA ALA A 48 -16.72 -11.69 -2.79
C ALA A 48 -16.00 -10.47 -2.20
N GLN A 49 -15.00 -9.98 -2.94
CA GLN A 49 -14.22 -8.84 -2.50
C GLN A 49 -15.05 -7.57 -2.28
N ARG A 50 -16.03 -7.33 -3.17
CA ARG A 50 -16.99 -6.27 -2.94
C ARG A 50 -17.83 -6.51 -1.69
N GLU A 51 -18.27 -7.74 -1.46
CA GLU A 51 -19.05 -8.01 -0.25
C GLU A 51 -18.21 -7.85 1.01
N VAL A 52 -16.93 -8.24 0.95
CA VAL A 52 -16.00 -7.91 2.01
C VAL A 52 -16.01 -6.41 2.29
N GLY A 53 -15.79 -5.62 1.24
CA GLY A 53 -15.91 -4.17 1.31
C GLY A 53 -17.15 -3.67 2.02
N GLU A 54 -18.31 -4.26 1.71
CA GLU A 54 -19.58 -3.76 2.23
C GLU A 54 -19.76 -4.13 3.70
N ARG A 55 -19.18 -5.27 4.10
CA ARG A 55 -19.24 -5.71 5.48
C ARG A 55 -18.33 -4.85 6.37
N TRP A 56 -17.16 -4.55 5.84
CA TRP A 56 -16.30 -3.55 6.45
C TRP A 56 -17.07 -2.24 6.63
N TYR A 57 -17.69 -1.78 5.53
CA TYR A 57 -18.40 -0.51 5.48
C TYR A 57 -19.52 -0.48 6.50
N ARG A 58 -20.17 -1.63 6.72
CA ARG A 58 -21.22 -1.74 7.72
C ARG A 58 -20.67 -1.99 9.13
N ASN A 59 -19.32 -1.93 9.27
CA ASN A 59 -18.67 -2.19 10.55
C ASN A 59 -18.98 -3.59 11.09
N GLU A 60 -19.07 -4.57 10.18
CA GLU A 60 -19.29 -5.97 10.53
C GLU A 60 -18.00 -6.78 10.42
N LEU A 61 -17.00 -6.20 9.74
CA LEU A 61 -15.66 -6.74 9.57
C LEU A 61 -14.62 -5.68 9.90
N SER A 62 -13.42 -6.13 10.29
CA SER A 62 -12.31 -5.21 10.45
C SER A 62 -11.38 -5.26 9.24
N PRO A 63 -10.48 -4.28 9.10
CA PRO A 63 -9.41 -4.37 8.10
C PRO A 63 -8.51 -5.60 8.23
N ALA A 64 -8.49 -6.21 9.42
CA ALA A 64 -7.68 -7.39 9.65
C ALA A 64 -8.31 -8.56 8.89
N ASP A 65 -9.62 -8.71 9.02
CA ASP A 65 -10.34 -9.74 8.28
C ASP A 65 -10.27 -9.51 6.78
N GLU A 66 -10.48 -8.27 6.34
CA GLU A 66 -10.30 -7.98 4.92
C GLU A 66 -8.89 -8.31 4.40
N HIS A 67 -7.85 -7.87 5.12
CA HIS A 67 -6.48 -8.19 4.72
C HIS A 67 -6.34 -9.70 4.46
N LEU A 68 -6.91 -10.54 5.33
CA LEU A 68 -6.91 -11.96 5.10
C LEU A 68 -7.66 -12.30 3.81
N ALA A 69 -8.89 -11.79 3.67
CA ALA A 69 -9.65 -12.05 2.46
C ALA A 69 -8.88 -11.62 1.21
N SER A 70 -8.20 -10.47 1.28
CA SER A 70 -7.51 -9.96 0.11
C SER A 70 -6.28 -10.80 -0.25
N GLY A 71 -5.63 -11.37 0.78
CA GLY A 71 -4.51 -12.26 0.51
C GLY A 71 -5.00 -13.52 -0.22
N VAL A 72 -6.16 -14.04 0.21
CA VAL A 72 -6.70 -15.26 -0.36
C VAL A 72 -7.04 -15.04 -1.84
N ALA A 73 -7.57 -13.85 -2.14
CA ALA A 73 -7.95 -13.50 -3.49
C ALA A 73 -6.71 -13.42 -4.39
N GLY A 74 -5.65 -12.77 -3.86
CA GLY A 74 -4.39 -12.74 -4.57
C GLY A 74 -3.86 -14.15 -4.84
N ALA A 75 -4.03 -15.06 -3.87
CA ALA A 75 -3.52 -16.43 -4.02
C ALA A 75 -4.34 -17.23 -5.03
N ALA A 76 -5.66 -16.97 -5.07
CA ALA A 76 -6.55 -17.51 -6.08
C ALA A 76 -6.15 -17.11 -7.51
N LEU A 77 -5.93 -15.81 -7.71
CA LEU A 77 -5.43 -15.32 -9.00
C LEU A 77 -4.11 -15.95 -9.40
N ASP A 78 -3.19 -16.06 -8.44
CA ASP A 78 -1.92 -16.75 -8.68
C ASP A 78 -2.08 -18.21 -9.10
N ALA A 79 -2.94 -18.96 -8.39
CA ALA A 79 -3.25 -20.34 -8.76
C ALA A 79 -3.80 -20.45 -10.18
N LEU A 80 -4.79 -19.60 -10.48
CA LEU A 80 -5.40 -19.54 -11.81
C LEU A 80 -4.39 -19.17 -12.87
N ALA A 81 -3.53 -18.19 -12.57
CA ALA A 81 -2.49 -17.79 -13.50
C ALA A 81 -1.53 -18.94 -13.80
N ALA A 82 -1.30 -19.84 -12.84
CA ALA A 82 -0.40 -20.96 -13.05
C ALA A 82 -1.02 -22.03 -13.95
N GLU A 83 -2.33 -21.94 -14.20
CA GLU A 83 -2.98 -22.82 -15.15
C GLU A 83 -3.02 -22.31 -16.60
N LEU A 84 -2.84 -21.00 -16.79
CA LEU A 84 -2.88 -20.39 -18.12
C LEU A 84 -1.83 -20.90 -19.08
N PRO A 85 -2.16 -21.12 -20.37
CA PRO A 85 -1.15 -21.22 -21.43
C PRO A 85 -0.46 -19.87 -21.65
N PRO A 86 0.65 -19.80 -22.40
CA PRO A 86 1.28 -18.51 -22.73
C PRO A 86 0.35 -17.65 -23.56
N PRO A 87 0.61 -16.33 -23.69
CA PRO A 87 -0.14 -15.46 -24.62
C PRO A 87 -0.25 -15.99 -26.05
N THR A 88 -1.46 -15.90 -26.63
CA THR A 88 -1.67 -16.14 -28.05
C THR A 88 -1.57 -14.88 -28.90
N ARG A 89 -1.75 -13.71 -28.26
CA ARG A 89 -1.70 -12.43 -28.93
C ARG A 89 -0.38 -11.72 -28.66
N ASP A 90 0.19 -11.09 -29.70
CA ASP A 90 1.27 -10.15 -29.54
C ASP A 90 0.73 -8.76 -29.22
N GLY A 91 1.58 -7.95 -28.55
CA GLY A 91 1.25 -6.58 -28.16
C GLY A 91 0.96 -6.45 -26.67
N LEU A 92 1.85 -5.75 -25.96
CA LEU A 92 1.84 -5.76 -24.51
C LEU A 92 0.88 -4.70 -23.97
N VAL A 93 -0.04 -5.16 -23.11
CA VAL A 93 -0.89 -4.27 -22.32
C VAL A 93 -0.30 -4.13 -20.91
N VAL A 94 -0.10 -2.88 -20.51
CA VAL A 94 0.42 -2.51 -19.20
C VAL A 94 -0.76 -2.04 -18.37
N VAL A 95 -1.03 -2.76 -17.27
CA VAL A 95 -2.14 -2.44 -16.38
C VAL A 95 -1.58 -1.82 -15.11
N ALA A 96 -2.07 -0.64 -14.76
CA ALA A 96 -1.65 0.13 -13.61
C ALA A 96 -2.86 0.65 -12.82
N CYS A 97 -2.83 0.53 -11.49
CA CYS A 97 -3.66 1.34 -10.61
C CYS A 97 -3.25 2.78 -10.83
N ALA A 98 -4.14 3.69 -10.49
CA ALA A 98 -3.86 5.10 -10.65
C ALA A 98 -2.81 5.41 -9.59
N GLU A 99 -1.94 6.40 -9.87
CA GLU A 99 -1.09 6.95 -8.85
C GLU A 99 -1.87 7.43 -7.63
N GLY A 100 -1.46 6.96 -6.45
CA GLY A 100 -2.15 7.19 -5.19
C GLY A 100 -3.05 6.03 -4.81
N ASP A 101 -3.41 5.15 -5.77
CA ASP A 101 -4.35 4.06 -5.55
C ASP A 101 -3.65 2.73 -5.26
N TRP A 102 -4.02 2.10 -4.14
CA TRP A 102 -3.37 0.89 -3.65
C TRP A 102 -4.30 -0.33 -3.75
N HIS A 103 -5.39 -0.23 -4.54
CA HIS A 103 -6.26 -1.38 -4.77
C HIS A 103 -5.67 -2.25 -5.87
N SER A 104 -4.53 -2.93 -5.57
CA SER A 104 -3.84 -3.70 -6.59
C SER A 104 -4.76 -4.70 -7.29
N LEU A 105 -5.66 -5.31 -6.50
CA LEU A 105 -6.56 -6.36 -6.98
C LEU A 105 -7.51 -5.95 -8.11
N SER A 106 -7.82 -4.66 -8.21
CA SER A 106 -8.63 -4.18 -9.34
C SER A 106 -7.81 -4.38 -10.63
N ALA A 107 -6.56 -3.88 -10.62
CA ALA A 107 -5.69 -3.98 -11.78
C ALA A 107 -5.38 -5.45 -12.11
N GLN A 108 -5.20 -6.26 -11.05
CA GLN A 108 -4.82 -7.65 -11.16
C GLN A 108 -5.94 -8.53 -11.69
N MET A 109 -7.14 -8.35 -11.12
CA MET A 109 -8.32 -9.03 -11.62
C MET A 109 -8.57 -8.68 -13.09
N PHE A 110 -8.45 -7.40 -13.42
CA PHE A 110 -8.67 -6.98 -14.78
C PHE A 110 -7.61 -7.64 -15.69
N GLY A 111 -6.35 -7.39 -15.37
CA GLY A 111 -5.25 -7.91 -16.16
C GLY A 111 -5.29 -9.44 -16.36
N GLU A 112 -5.67 -10.16 -15.28
CA GLU A 112 -5.80 -11.60 -15.35
C GLU A 112 -6.93 -12.08 -16.26
N THR A 113 -8.04 -11.34 -16.29
CA THR A 113 -9.14 -11.68 -17.20
C THR A 113 -8.63 -11.52 -18.63
N LEU A 114 -7.92 -10.42 -18.91
CA LEU A 114 -7.27 -10.21 -20.19
C LEU A 114 -6.33 -11.35 -20.55
N ARG A 115 -5.47 -11.77 -19.60
CA ARG A 115 -4.58 -12.89 -19.85
C ARG A 115 -5.37 -14.10 -20.32
N ALA A 116 -6.51 -14.33 -19.66
CA ALA A 116 -7.33 -15.49 -20.00
C ALA A 116 -7.95 -15.37 -21.39
N SER A 117 -7.90 -14.17 -21.99
CA SER A 117 -8.24 -13.99 -23.41
C SER A 117 -7.02 -13.97 -24.33
N GLY A 118 -5.85 -14.36 -23.80
CA GLY A 118 -4.65 -14.61 -24.60
C GLY A 118 -3.76 -13.38 -24.80
N PHE A 119 -4.11 -12.28 -24.11
CA PHE A 119 -3.27 -11.09 -24.08
C PHE A 119 -1.97 -11.30 -23.30
N ASP A 120 -0.92 -10.64 -23.82
CA ASP A 120 0.32 -10.40 -23.12
C ASP A 120 0.15 -9.17 -22.24
N VAL A 121 0.28 -9.36 -20.93
CA VAL A 121 -0.13 -8.40 -19.92
C VAL A 121 0.95 -8.26 -18.85
N SER A 122 1.35 -7.03 -18.49
CA SER A 122 2.16 -6.77 -17.32
C SER A 122 1.38 -5.92 -16.32
N VAL A 123 1.06 -6.48 -15.16
CA VAL A 123 0.31 -5.77 -14.15
C VAL A 123 1.21 -5.10 -13.13
N LEU A 124 1.36 -3.78 -13.21
CA LEU A 124 2.10 -3.02 -12.23
C LEU A 124 1.35 -2.93 -10.91
N GLY A 125 0.04 -3.10 -10.93
CA GLY A 125 -0.76 -3.05 -9.72
C GLY A 125 -0.74 -1.67 -9.07
N ALA A 126 -0.57 -1.64 -7.75
CA ALA A 126 -0.69 -0.45 -6.93
C ALA A 126 0.25 0.69 -7.35
N SER A 127 -0.19 1.92 -7.03
CA SER A 127 0.52 3.16 -7.30
C SER A 127 2.01 3.12 -7.69
N THR A 128 2.31 3.65 -8.88
CA THR A 128 3.68 3.83 -9.40
C THR A 128 3.87 5.28 -9.83
N PRO A 129 5.04 5.92 -9.64
CA PRO A 129 5.21 7.28 -10.16
C PRO A 129 4.93 7.34 -11.66
N ARG A 130 4.29 8.45 -12.05
CA ARG A 130 3.94 8.70 -13.43
C ARG A 130 5.12 8.38 -14.35
N THR A 131 6.25 9.05 -14.13
CA THR A 131 7.35 8.95 -15.06
C THR A 131 7.91 7.53 -15.12
N ALA A 132 7.70 6.71 -14.09
CA ALA A 132 8.17 5.32 -14.08
C ALA A 132 7.28 4.41 -14.93
N VAL A 133 5.99 4.76 -15.00
CA VAL A 133 5.03 4.02 -15.81
C VAL A 133 5.31 4.25 -17.30
N VAL A 134 5.60 5.50 -17.66
CA VAL A 134 5.82 5.88 -19.04
C VAL A 134 7.15 5.28 -19.49
N ASP A 135 8.17 5.40 -18.64
CA ASP A 135 9.46 4.80 -18.94
CA ASP A 135 9.47 4.79 -18.89
C ASP A 135 9.39 3.29 -19.12
N PHE A 136 8.56 2.60 -18.31
CA PHE A 136 8.26 1.19 -18.54
C PHE A 136 7.60 0.90 -19.90
N LEU A 137 6.59 1.74 -20.26
CA LEU A 137 5.90 1.61 -21.54
C LEU A 137 6.91 1.69 -22.66
N THR A 138 7.78 2.71 -22.57
CA THR A 138 8.85 2.91 -23.54
C THR A 138 9.82 1.74 -23.66
N ARG A 139 10.30 1.24 -22.50
CA ARG A 139 11.34 0.21 -22.49
C ARG A 139 10.79 -1.16 -22.85
N ALA A 140 9.56 -1.44 -22.40
CA ALA A 140 8.89 -2.70 -22.66
C ALA A 140 8.16 -2.77 -24.00
N GLY A 141 8.17 -1.65 -24.77
CA GLY A 141 7.34 -1.47 -25.97
C GLY A 141 5.85 -1.81 -25.81
N GLY A 142 5.25 -1.38 -24.69
CA GLY A 142 3.81 -1.49 -24.48
C GLY A 142 2.97 -0.86 -25.61
N ASP A 143 2.01 -1.64 -26.12
CA ASP A 143 0.98 -1.19 -27.04
C ASP A 143 0.01 -0.24 -26.37
N SER A 144 -0.42 -0.59 -25.15
CA SER A 144 -1.57 0.06 -24.55
C SER A 144 -1.35 0.19 -23.05
N LEU A 145 -1.83 1.29 -22.47
CA LEU A 145 -1.93 1.49 -21.04
C LEU A 145 -3.40 1.37 -20.61
N ALA A 146 -3.65 0.50 -19.63
CA ALA A 146 -4.94 0.42 -18.96
C ALA A 146 -4.76 0.91 -17.53
N VAL A 147 -5.51 1.96 -17.18
CA VAL A 147 -5.43 2.53 -15.85
C VAL A 147 -6.69 2.17 -15.07
N SER A 148 -6.51 1.58 -13.88
CA SER A 148 -7.58 1.16 -12.99
C SER A 148 -7.73 2.14 -11.83
N CYS A 149 -8.90 2.72 -11.64
CA CYS A 149 -9.07 3.81 -10.68
C CYS A 149 -10.27 3.55 -9.78
N ASN A 150 -10.04 3.37 -8.48
CA ASN A 150 -11.05 2.93 -7.52
C ASN A 150 -11.69 4.04 -6.68
N MET A 151 -11.06 5.22 -6.69
CA MET A 151 -11.64 6.41 -6.12
C MET A 151 -11.46 7.61 -7.07
N PRO A 152 -12.43 8.55 -7.08
CA PRO A 152 -12.33 9.74 -7.94
C PRO A 152 -11.34 10.78 -7.43
N ILE A 153 -10.88 10.64 -6.18
CA ILE A 153 -9.79 11.49 -5.70
C ILE A 153 -8.45 11.28 -6.41
N PHE A 154 -8.35 10.27 -7.28
CA PHE A 154 -7.12 10.06 -8.01
C PHE A 154 -7.08 10.65 -9.41
N PHE A 155 -8.15 11.39 -9.79
CA PHE A 155 -8.32 11.81 -11.17
C PHE A 155 -7.23 12.76 -11.69
N PRO A 156 -6.79 13.77 -10.89
CA PRO A 156 -5.78 14.69 -11.42
C PRO A 156 -4.57 13.94 -11.94
N GLY A 157 -4.11 12.91 -11.20
CA GLY A 157 -2.92 12.18 -11.61
C GLY A 157 -3.16 11.23 -12.78
N VAL A 158 -4.39 10.69 -12.90
CA VAL A 158 -4.74 9.95 -14.09
C VAL A 158 -4.67 10.86 -15.32
N ALA A 159 -5.07 12.11 -15.15
CA ALA A 159 -5.03 13.07 -16.26
C ALA A 159 -3.58 13.29 -16.68
N GLN A 160 -2.71 13.55 -15.68
CA GLN A 160 -1.31 13.76 -15.95
C GLN A 160 -0.70 12.53 -16.65
N LEU A 161 -1.14 11.35 -16.22
CA LEU A 161 -0.59 10.10 -16.71
C LEU A 161 -0.99 9.86 -18.17
N ILE A 162 -2.28 10.07 -18.47
CA ILE A 162 -2.77 10.09 -19.83
C ILE A 162 -1.95 11.00 -20.72
N ASN A 163 -1.67 12.21 -20.23
CA ASN A 163 -0.84 13.15 -20.95
C ASN A 163 0.57 12.64 -21.22
N ALA A 164 1.18 12.01 -20.23
CA ALA A 164 2.54 11.51 -20.43
C ALA A 164 2.52 10.35 -21.43
N ALA A 165 1.45 9.55 -21.39
CA ALA A 165 1.33 8.41 -22.29
C ALA A 165 1.16 8.89 -23.73
N HIS A 166 0.36 9.95 -23.90
CA HIS A 166 0.15 10.54 -25.20
C HIS A 166 1.47 11.05 -25.78
N GLU A 167 2.28 11.76 -24.99
CA GLU A 167 3.58 12.21 -25.45
C GLU A 167 4.45 11.14 -26.10
N ILE A 168 4.19 9.86 -25.80
CA ILE A 168 4.96 8.77 -26.36
C ILE A 168 4.11 7.90 -27.29
N GLY A 169 2.96 8.43 -27.70
CA GLY A 169 2.13 7.81 -28.72
C GLY A 169 1.32 6.62 -28.24
N VAL A 170 1.14 6.50 -26.91
CA VAL A 170 0.47 5.35 -26.34
C VAL A 170 -0.98 5.67 -25.96
N PRO A 171 -1.94 4.81 -26.37
CA PRO A 171 -3.35 4.98 -25.99
C PRO A 171 -3.74 4.42 -24.63
N VAL A 172 -4.65 5.12 -23.95
CA VAL A 172 -5.07 4.77 -22.60
C VAL A 172 -6.56 4.45 -22.52
N ILE A 173 -6.87 3.23 -22.09
CA ILE A 173 -8.20 2.87 -21.66
C ILE A 173 -8.25 3.05 -20.16
N VAL A 174 -9.38 3.50 -19.60
CA VAL A 174 -9.51 3.54 -18.15
C VAL A 174 -10.73 2.74 -17.69
N GLY A 175 -10.77 2.42 -16.40
CA GLY A 175 -11.87 1.69 -15.79
C GLY A 175 -11.67 1.62 -14.27
N GLY A 176 -12.40 0.71 -13.61
CA GLY A 176 -12.47 0.72 -12.16
C GLY A 176 -13.64 1.59 -11.68
N ARG A 177 -14.09 1.34 -10.45
CA ARG A 177 -15.35 1.90 -9.99
C ARG A 177 -15.43 3.43 -9.98
N ALA A 178 -14.29 4.13 -9.83
CA ALA A 178 -14.31 5.59 -9.87
C ALA A 178 -14.88 6.17 -11.18
N PHE A 179 -14.79 5.45 -12.30
CA PHE A 179 -15.26 5.98 -13.57
C PHE A 179 -16.74 5.73 -13.88
N GLY A 180 -17.48 5.10 -12.94
CA GLY A 180 -18.93 4.98 -13.03
C GLY A 180 -19.42 3.97 -14.06
N ASP A 181 -20.60 4.20 -14.64
CA ASP A 181 -21.25 3.22 -15.52
C ASP A 181 -21.13 3.56 -17.00
N ASP A 182 -20.46 4.68 -17.31
CA ASP A 182 -20.28 5.11 -18.69
C ASP A 182 -18.97 5.88 -18.84
N ASP A 183 -18.71 6.44 -20.03
CA ASP A 183 -17.38 6.96 -20.35
C ASP A 183 -17.15 8.44 -20.06
N ARG A 184 -18.14 9.10 -19.40
CA ARG A 184 -18.14 10.56 -19.33
C ARG A 184 -16.98 11.10 -18.49
N ARG A 185 -16.77 10.53 -17.31
CA ARG A 185 -15.64 10.92 -16.48
C ARG A 185 -14.30 10.63 -17.18
N ALA A 186 -14.19 9.41 -17.74
CA ALA A 186 -13.03 9.00 -18.53
C ALA A 186 -12.68 9.98 -19.64
N ALA A 187 -13.70 10.30 -20.48
CA ALA A 187 -13.51 11.21 -21.59
C ALA A 187 -13.07 12.59 -21.13
N ARG A 188 -13.63 13.07 -20.02
CA ARG A 188 -13.30 14.38 -19.49
C ARG A 188 -11.82 14.53 -19.09
N LEU A 189 -11.17 13.39 -18.76
CA LEU A 189 -9.74 13.33 -18.46
C LEU A 189 -8.85 13.00 -19.65
N GLY A 190 -9.45 12.76 -20.82
CA GLY A 190 -8.67 12.58 -22.03
C GLY A 190 -8.38 11.13 -22.35
N ALA A 191 -9.03 10.20 -21.65
CA ALA A 191 -8.81 8.79 -21.91
C ALA A 191 -9.23 8.53 -23.35
N ASP A 192 -8.53 7.63 -24.03
CA ASP A 192 -8.82 7.27 -25.40
C ASP A 192 -9.97 6.27 -25.44
N ALA A 193 -10.28 5.65 -24.31
CA ALA A 193 -11.39 4.69 -24.24
C ALA A 193 -11.74 4.40 -22.79
N TRP A 194 -12.87 3.70 -22.61
CA TRP A 194 -13.43 3.37 -21.32
C TRP A 194 -14.19 2.06 -21.52
N ALA A 195 -14.14 1.16 -20.52
CA ALA A 195 -14.99 -0.01 -20.52
C ALA A 195 -15.30 -0.47 -19.10
N ALA A 196 -16.33 -1.31 -18.98
CA ALA A 196 -16.85 -1.77 -17.70
C ALA A 196 -16.05 -2.97 -17.13
N GLY A 197 -15.50 -3.78 -18.03
CA GLY A 197 -14.77 -4.98 -17.68
C GLY A 197 -13.91 -5.47 -18.84
N ALA A 198 -13.39 -6.69 -18.72
CA ALA A 198 -12.43 -7.20 -19.68
C ALA A 198 -13.03 -7.48 -21.07
N SER A 199 -14.23 -8.04 -21.09
CA SER A 199 -14.84 -8.47 -22.33
CA SER A 199 -14.86 -8.46 -22.33
CA SER A 199 -14.83 -8.48 -22.34
C SER A 199 -14.84 -7.34 -23.37
N GLU A 200 -15.32 -6.15 -22.95
CA GLU A 200 -15.32 -4.97 -23.81
C GLU A 200 -13.92 -4.45 -24.10
N ALA A 201 -13.10 -4.34 -23.04
CA ALA A 201 -11.73 -3.85 -23.15
C ALA A 201 -10.86 -4.71 -24.08
N ALA A 202 -11.08 -6.02 -24.05
CA ALA A 202 -10.47 -6.96 -25.01
C ALA A 202 -10.72 -6.60 -26.48
N GLU A 203 -11.93 -6.08 -26.78
CA GLU A 203 -12.26 -5.71 -28.14
C GLU A 203 -11.50 -4.42 -28.48
N ILE A 204 -11.55 -3.44 -27.56
CA ILE A 204 -10.88 -2.17 -27.81
C ILE A 204 -9.38 -2.39 -27.94
N LEU A 205 -8.80 -3.19 -27.02
CA LEU A 205 -7.36 -3.40 -26.98
C LEU A 205 -6.88 -4.18 -28.20
N ALA A 206 -7.60 -5.25 -28.56
CA ALA A 206 -7.24 -6.06 -29.72
C ALA A 206 -7.28 -5.20 -30.99
N GLY A 207 -8.21 -4.24 -30.98
CA GLY A 207 -8.34 -3.23 -32.03
C GLY A 207 -7.19 -2.24 -32.05
N TRP A 208 -6.69 -1.84 -30.89
CA TRP A 208 -5.50 -0.99 -30.81
C TRP A 208 -4.22 -1.69 -31.26
N HIS A 209 -4.15 -3.00 -31.05
CA HIS A 209 -3.01 -3.76 -31.55
C HIS A 209 -3.04 -3.78 -33.07
N ALA A 210 -4.20 -4.17 -33.63
CA ALA A 210 -4.39 -4.33 -35.07
C ALA A 210 -4.31 -3.02 -35.84
N ARG A 211 -4.97 -1.99 -35.32
CA ARG A 211 -5.02 -0.67 -35.93
C ARG A 211 -4.61 0.36 -34.89
N ARG A 212 -3.33 0.76 -34.93
CA ARG A 212 -2.74 1.60 -33.89
C ARG A 212 -3.29 3.01 -34.00
N PRO A 213 -4.18 3.48 -33.07
CA PRO A 213 -4.92 4.73 -33.27
C PRO A 213 -4.12 6.01 -33.04
N GLU A 214 -4.64 7.12 -33.59
CA GLU A 214 -4.14 8.46 -33.32
C GLU A 214 -4.37 8.81 -31.85
N VAL A 215 -3.45 9.57 -31.25
CA VAL A 215 -3.58 9.97 -29.85
C VAL A 215 -3.32 11.46 -29.73
N GLY A 216 -4.21 12.15 -28.98
CA GLY A 216 -4.11 13.60 -28.86
C GLY A 216 -2.83 13.98 -28.12
N SER A 217 -2.01 14.82 -28.76
CA SER A 217 -0.92 15.51 -28.07
C SER A 217 -1.41 16.88 -27.61
N GLU A 218 -2.73 16.97 -27.38
CA GLU A 218 -3.37 18.10 -26.72
C GLU A 218 -3.89 17.64 -25.35
N PRO A 219 -3.45 18.23 -24.22
CA PRO A 219 -4.02 17.86 -22.92
C PRO A 219 -5.50 18.24 -22.81
N ALA A 220 -6.30 17.34 -22.23
CA ALA A 220 -7.71 17.61 -21.95
C ALA A 220 -7.84 18.78 -20.98
N PRO A 221 -8.71 19.78 -21.25
CA PRO A 221 -8.75 20.99 -20.43
C PRO A 221 -9.37 20.72 -19.05
N LEU A 222 -8.75 21.29 -18.01
CA LEU A 222 -9.23 21.12 -16.65
C LEU A 222 -9.14 22.44 -15.90
N ASP A 223 -10.06 22.64 -14.96
CA ASP A 223 -10.15 23.91 -14.26
C ASP A 223 -9.08 23.95 -13.16
N GLY A 224 -8.19 24.94 -13.29
CA GLY A 224 -7.08 25.15 -12.38
C GLY A 224 -7.46 25.36 -10.92
N ALA A 225 -8.60 26.03 -10.68
CA ALA A 225 -9.12 26.25 -9.33
C ALA A 225 -9.51 24.92 -8.68
N ALA A 226 -9.99 23.99 -9.49
CA ALA A 226 -10.30 22.64 -9.01
C ALA A 226 -9.02 21.91 -8.59
N LEU A 227 -7.93 22.11 -9.35
CA LEU A 227 -6.61 21.54 -9.06
C LEU A 227 -5.91 22.17 -7.85
N ARG A 228 -6.03 23.50 -7.70
CA ARG A 228 -5.51 24.20 -6.54
C ARG A 228 -6.20 23.76 -5.25
N LEU A 229 -7.49 23.41 -5.36
CA LEU A 229 -8.26 22.91 -4.24
C LEU A 229 -7.83 21.48 -3.87
N PHE A 230 -7.47 20.71 -4.88
CA PHE A 230 -6.85 19.40 -4.67
C PHE A 230 -5.57 19.55 -3.87
N ALA A 231 -4.64 20.35 -4.40
CA ALA A 231 -3.35 20.61 -3.80
C ALA A 231 -3.41 21.03 -2.34
N ALA A 232 -4.42 21.84 -2.00
CA ALA A 232 -4.57 22.42 -0.67
C ALA A 232 -5.27 21.55 0.36
N SER A 233 -5.74 20.35 -0.02
CA SER A 233 -6.57 19.54 0.86
C SER A 233 -6.00 19.36 2.26
N SER A 234 -4.72 18.96 2.35
CA SER A 234 -4.03 18.79 3.62
C SER A 234 -4.07 20.05 4.46
N THR A 235 -3.59 21.17 3.90
CA THR A 235 -3.54 22.43 4.62
C THR A 235 -4.87 22.81 5.25
N LEU A 236 -5.93 22.69 4.44
CA LEU A 236 -7.27 23.12 4.81
C LEU A 236 -7.84 22.22 5.90
N ALA A 237 -7.63 20.91 5.76
CA ALA A 237 -8.06 19.95 6.77
C ALA A 237 -7.29 20.18 8.08
N THR A 238 -5.96 20.15 8.02
CA THR A 238 -5.13 20.25 9.23
C THR A 238 -5.40 21.58 9.92
N ALA A 239 -5.58 22.67 9.14
CA ALA A 239 -5.86 23.99 9.69
C ALA A 239 -7.29 24.11 10.23
N THR A 240 -8.23 23.37 9.62
CA THR A 240 -9.60 23.33 10.12
C THR A 240 -9.67 22.63 11.47
N VAL A 241 -8.88 21.56 11.63
CA VAL A 241 -8.86 20.78 12.85
C VAL A 241 -8.12 21.48 14.00
N ASP A 242 -7.25 22.46 13.68
CA ASP A 242 -6.52 23.21 14.69
C ASP A 242 -7.45 24.16 15.46
N GLU A 243 -8.08 25.09 14.73
CA GLU A 243 -9.35 25.66 15.17
C GLU A 243 -10.25 24.43 15.34
N LEU A 244 -11.32 24.52 16.13
CA LEU A 244 -12.14 23.37 16.50
C LEU A 244 -11.56 22.65 17.73
N THR A 245 -10.24 22.69 17.88
CA THR A 245 -9.56 22.20 19.07
C THR A 245 -8.68 23.33 19.65
N ALA A 246 -9.35 24.40 20.10
CA ALA A 246 -8.68 25.57 20.66
C ALA A 246 -8.14 25.27 22.07
N SER A 249 -13.32 25.86 22.23
CA SER A 249 -12.91 24.56 21.71
C SER A 249 -14.10 23.64 21.47
N PRO A 250 -14.72 23.63 20.27
CA PRO A 250 -15.81 22.69 19.97
C PRO A 250 -15.33 21.24 19.89
N ILE A 251 -15.33 20.58 21.05
CA ILE A 251 -14.86 19.21 21.23
C ILE A 251 -13.39 19.07 20.81
N LEU A 254 -12.04 14.82 22.17
CA LEU A 254 -11.30 14.22 21.06
C LEU A 254 -9.89 13.78 21.44
N ASP A 255 -9.61 12.48 21.32
CA ASP A 255 -8.27 11.95 21.52
C ASP A 255 -7.47 11.89 20.21
N ALA A 256 -6.17 11.64 20.36
CA ALA A 256 -5.22 11.55 19.26
C ALA A 256 -5.68 10.67 18.10
N ASP A 257 -6.44 9.60 18.40
CA ASP A 257 -7.06 8.77 17.38
C ASP A 257 -8.17 9.50 16.61
N GLN A 258 -9.04 10.18 17.37
CA GLN A 258 -10.22 10.82 16.83
C GLN A 258 -9.86 12.06 16.03
N VAL A 259 -8.90 12.85 16.52
CA VAL A 259 -8.39 13.99 15.79
C VAL A 259 -7.80 13.58 14.43
N ASP A 260 -7.15 12.41 14.39
CA ASP A 260 -6.51 11.94 13.17
C ASP A 260 -7.53 11.41 12.16
N GLN A 261 -8.55 10.71 12.68
CA GLN A 261 -9.62 10.19 11.85
C GLN A 261 -10.39 11.34 11.21
N LEU A 262 -10.77 12.32 12.03
CA LEU A 262 -11.47 13.49 11.55
C LEU A 262 -10.63 14.20 10.49
N ARG A 263 -9.38 14.50 10.84
CA ARG A 263 -8.50 15.17 9.90
C ARG A 263 -8.42 14.44 8.56
N GLU A 264 -8.35 13.11 8.62
CA GLU A 264 -8.22 12.29 7.43
C GLU A 264 -9.50 12.37 6.59
N HIS A 265 -10.66 12.38 7.27
CA HIS A 265 -11.96 12.45 6.60
C HIS A 265 -12.13 13.79 5.89
N LEU A 266 -11.65 14.88 6.50
CA LEU A 266 -11.71 16.19 5.91
C LEU A 266 -10.79 16.38 4.71
N VAL A 267 -9.65 15.68 4.69
CA VAL A 267 -8.80 15.69 3.51
C VAL A 267 -9.53 15.02 2.36
N PHE A 268 -10.19 13.89 2.67
CA PHE A 268 -11.01 13.19 1.69
C PHE A 268 -12.14 14.08 1.17
N ALA A 269 -12.82 14.78 2.11
CA ALA A 269 -13.93 15.64 1.73
C ALA A 269 -13.54 16.65 0.67
N VAL A 270 -12.42 17.33 0.90
CA VAL A 270 -11.93 18.35 -0.02
C VAL A 270 -11.50 17.74 -1.36
N GLN A 271 -11.15 16.45 -1.34
CA GLN A 271 -10.66 15.82 -2.55
C GLN A 271 -11.81 15.30 -3.42
N PHE A 272 -12.84 14.74 -2.80
CA PHE A 272 -14.07 14.42 -3.49
C PHE A 272 -14.73 15.68 -4.07
N LEU A 273 -14.72 16.77 -3.29
CA LEU A 273 -15.26 18.02 -3.76
C LEU A 273 -14.48 18.49 -4.97
N ALA A 274 -13.15 18.50 -4.86
CA ALA A 274 -12.29 18.90 -5.97
C ALA A 274 -12.46 18.03 -7.22
N ALA A 275 -12.69 16.72 -7.00
CA ALA A 275 -12.86 15.76 -8.08
C ALA A 275 -14.18 15.99 -8.82
N ALA A 276 -15.26 16.15 -8.04
CA ALA A 276 -16.55 16.56 -8.57
C ALA A 276 -16.44 17.81 -9.46
N ARG A 277 -15.73 18.83 -8.98
CA ARG A 277 -15.53 20.06 -9.74
C ARG A 277 -14.71 19.84 -11.02
N LEU A 278 -13.65 19.02 -10.90
CA LEU A 278 -12.73 18.81 -12.00
C LEU A 278 -13.38 18.23 -13.26
N VAL A 279 -14.21 17.19 -13.07
CA VAL A 279 -14.86 16.49 -14.16
C VAL A 279 -16.34 16.89 -14.25
N ASP A 280 -16.68 18.01 -13.60
CA ASP A 280 -17.98 18.65 -13.68
C ASP A 280 -19.14 17.70 -13.41
N ASP A 281 -18.98 16.85 -12.39
CA ASP A 281 -20.00 15.90 -12.01
C ASP A 281 -20.27 16.04 -10.52
N ASP A 282 -21.33 16.79 -10.20
CA ASP A 282 -21.79 17.02 -8.85
C ASP A 282 -21.91 15.74 -8.02
N SER A 283 -22.35 14.65 -8.65
CA SER A 283 -22.74 13.43 -7.94
C SER A 283 -21.55 12.78 -7.22
N ILE A 284 -20.33 13.03 -7.72
CA ILE A 284 -19.15 12.57 -7.05
C ILE A 284 -19.08 13.08 -5.61
N PHE A 285 -19.38 14.36 -5.41
CA PHE A 285 -19.34 14.91 -4.07
C PHE A 285 -20.58 14.49 -3.26
N GLU A 286 -21.74 14.44 -3.91
CA GLU A 286 -22.99 14.11 -3.22
C GLU A 286 -22.98 12.66 -2.75
N ASP A 287 -22.51 11.76 -3.62
CA ASP A 287 -22.34 10.36 -3.27
C ASP A 287 -21.36 10.14 -2.10
N PHE A 288 -20.32 10.98 -2.02
CA PHE A 288 -19.37 10.93 -0.93
C PHE A 288 -20.00 11.28 0.42
N LEU A 289 -20.83 12.34 0.44
CA LEU A 289 -21.50 12.75 1.67
C LEU A 289 -22.40 11.64 2.20
N VAL A 290 -23.22 11.07 1.29
CA VAL A 290 -24.03 9.91 1.61
C VAL A 290 -23.16 8.77 2.14
N TRP A 291 -22.08 8.45 1.38
CA TRP A 291 -21.18 7.38 1.76
C TRP A 291 -20.62 7.56 3.17
N ILE A 292 -19.97 8.69 3.42
CA ILE A 292 -19.28 8.90 4.69
C ILE A 292 -20.23 8.99 5.87
N ASP A 293 -21.40 9.59 5.63
CA ASP A 293 -22.40 9.80 6.66
C ASP A 293 -22.84 8.46 7.23
N GLU A 294 -23.07 7.50 6.32
CA GLU A 294 -23.50 6.17 6.70
C GLU A 294 -22.35 5.29 7.22
N LEU A 295 -21.11 5.55 6.78
CA LEU A 295 -19.94 4.88 7.34
C LEU A 295 -19.87 5.10 8.85
N LEU A 296 -20.00 6.37 9.25
CA LEU A 296 -19.88 6.79 10.63
C LEU A 296 -21.08 6.40 11.49
N ARG A 297 -22.25 6.25 10.84
CA ARG A 297 -23.48 5.98 11.56
C ARG A 297 -23.44 4.57 12.16
N THR A 298 -22.87 3.61 11.43
CA THR A 298 -22.75 2.25 11.91
C THR A 298 -21.66 2.09 12.98
N ARG A 299 -20.81 3.12 13.13
CA ARG A 299 -19.69 3.14 14.05
C ARG A 299 -19.93 3.93 15.34
N ASP A 300 -21.15 4.44 15.51
CA ASP A 300 -21.54 5.21 16.68
C ASP A 300 -20.49 6.24 17.11
N VAL A 301 -20.13 7.11 16.16
CA VAL A 301 -19.33 8.29 16.41
C VAL A 301 -20.18 9.48 15.95
N PRO A 302 -20.69 10.31 16.90
CA PRO A 302 -21.59 11.43 16.57
C PRO A 302 -21.16 12.23 15.34
N ARG A 303 -22.11 12.45 14.43
CA ARG A 303 -21.87 13.16 13.19
C ARG A 303 -21.98 14.69 13.31
N GLU A 304 -22.10 15.19 14.55
CA GLU A 304 -21.93 16.61 14.83
C GLU A 304 -20.50 17.03 14.51
N VAL A 305 -19.55 16.11 14.73
CA VAL A 305 -18.14 16.33 14.50
C VAL A 305 -17.81 16.57 13.02
N LEU A 306 -18.35 15.72 12.14
CA LEU A 306 -18.10 15.83 10.71
C LEU A 306 -18.79 17.07 10.16
N ALA A 307 -20.04 17.26 10.58
CA ALA A 307 -20.82 18.45 10.24
C ALA A 307 -19.99 19.69 10.58
N ALA A 308 -19.58 19.76 11.85
CA ALA A 308 -18.74 20.83 12.34
C ALA A 308 -17.48 20.97 11.48
N GLY A 309 -16.88 19.83 11.14
CA GLY A 309 -15.72 19.79 10.27
C GLY A 309 -15.97 20.41 8.89
N LEU A 310 -17.03 19.95 8.22
CA LEU A 310 -17.41 20.48 6.93
C LEU A 310 -17.69 21.98 7.07
N GLU A 311 -18.51 22.32 8.06
CA GLU A 311 -18.77 23.72 8.41
C GLU A 311 -17.47 24.54 8.41
N GLY A 312 -16.44 24.04 9.10
CA GLY A 312 -15.18 24.72 9.24
C GLY A 312 -14.45 24.93 7.91
N LEU A 313 -14.54 23.92 7.04
CA LEU A 313 -13.88 23.95 5.75
C LEU A 313 -14.40 25.09 4.87
N ARG A 314 -15.70 25.37 5.03
CA ARG A 314 -16.41 26.34 4.20
C ARG A 314 -15.59 27.57 3.78
N ALA A 315 -15.16 28.37 4.77
CA ALA A 315 -14.56 29.67 4.50
C ALA A 315 -13.28 29.58 3.68
N LYS A 316 -12.46 28.56 3.95
CA LYS A 316 -11.18 28.39 3.27
C LYS A 316 -11.34 27.79 1.88
N VAL A 317 -12.26 26.82 1.76
CA VAL A 317 -12.55 26.13 0.52
C VAL A 317 -13.00 27.11 -0.58
N ILE A 318 -13.95 28.00 -0.25
CA ILE A 318 -14.49 28.92 -1.23
C ILE A 318 -13.48 30.02 -1.53
N ALA A 319 -12.60 30.31 -0.57
CA ALA A 319 -11.50 31.24 -0.79
C ALA A 319 -10.57 30.75 -1.90
N VAL A 320 -10.38 29.42 -2.00
CA VAL A 320 -9.54 28.83 -3.03
C VAL A 320 -10.31 28.62 -4.34
N ASP A 321 -11.51 28.04 -4.26
CA ASP A 321 -12.33 27.76 -5.42
C ASP A 321 -13.76 28.25 -5.17
N PRO A 322 -14.12 29.49 -5.58
CA PRO A 322 -15.46 30.00 -5.30
C PRO A 322 -16.56 29.21 -6.02
N GLY A 323 -16.19 28.52 -7.10
CA GLY A 323 -17.10 27.65 -7.84
C GLY A 323 -17.61 26.44 -7.06
N ALA A 324 -16.97 26.14 -5.92
CA ALA A 324 -17.39 25.09 -5.03
C ALA A 324 -18.55 25.51 -4.12
N THR A 325 -18.79 26.83 -4.04
CA THR A 325 -19.80 27.34 -3.13
C THR A 325 -21.13 26.60 -3.30
N ARG A 326 -21.62 26.52 -4.54
CA ARG A 326 -22.93 25.94 -4.78
C ARG A 326 -22.96 24.45 -4.43
N LEU A 327 -21.83 23.78 -4.63
CA LEU A 327 -21.75 22.35 -4.32
C LEU A 327 -21.85 22.10 -2.81
N LEU A 328 -21.26 23.04 -2.04
CA LEU A 328 -21.28 23.01 -0.58
C LEU A 328 -22.64 23.32 0.04
N ASP A 329 -23.36 24.27 -0.56
CA ASP A 329 -24.66 24.69 -0.08
C ASP A 329 -25.76 23.72 -0.50
N ALA A 330 -25.52 23.02 -1.61
CA ALA A 330 -26.34 21.87 -1.98
C ALA A 330 -26.50 20.96 -0.77
N ALA A 331 -25.36 20.50 -0.20
CA ALA A 331 -25.30 19.78 1.07
C ALA A 331 -25.82 20.60 2.27
N TRP A 332 -26.61 19.94 3.14
CA TRP A 332 -27.53 20.61 4.07
C TRP A 332 -28.19 21.86 3.43
N GLU B 2 23.28 -25.54 -7.23
CA GLU B 2 22.13 -26.06 -6.51
C GLU B 2 21.88 -25.53 -5.09
N ALA B 3 22.76 -24.67 -4.56
CA ALA B 3 22.41 -23.83 -3.42
C ALA B 3 21.39 -22.75 -3.84
N PRO B 4 20.34 -22.48 -3.04
CA PRO B 4 19.36 -21.43 -3.40
C PRO B 4 19.98 -20.10 -3.85
N ALA B 5 21.04 -19.66 -3.15
CA ALA B 5 21.77 -18.44 -3.46
C ALA B 5 22.23 -18.32 -4.91
N SER B 6 22.68 -19.43 -5.50
CA SER B 6 23.19 -19.37 -6.85
C SER B 6 22.09 -19.18 -7.90
N TYR B 7 20.82 -19.26 -7.48
CA TYR B 7 19.71 -19.10 -8.41
C TYR B 7 19.15 -17.68 -8.42
N VAL B 8 19.71 -16.77 -7.63
CA VAL B 8 19.20 -15.41 -7.55
C VAL B 8 19.14 -14.71 -8.91
N GLU B 9 20.24 -14.81 -9.67
CA GLU B 9 20.35 -14.11 -10.94
C GLU B 9 19.32 -14.57 -11.97
N PRO B 10 19.21 -15.87 -12.30
CA PRO B 10 18.14 -16.34 -13.19
C PRO B 10 16.73 -16.03 -12.68
N TYR B 11 16.56 -16.11 -11.35
CA TYR B 11 15.28 -15.78 -10.76
C TYR B 11 14.94 -14.32 -11.08
N LEU B 12 15.85 -13.40 -10.78
CA LEU B 12 15.69 -11.97 -11.02
C LEU B 12 15.46 -11.62 -12.50
N GLY B 13 16.22 -12.25 -13.40
CA GLY B 13 16.04 -12.06 -14.83
C GLY B 13 14.55 -12.15 -15.23
N ASP B 14 13.88 -13.16 -14.68
CA ASP B 14 12.46 -13.36 -14.96
C ASP B 14 11.56 -12.51 -14.05
N ALA B 15 11.93 -12.36 -12.78
CA ALA B 15 11.07 -11.67 -11.82
C ALA B 15 10.90 -10.18 -12.13
N ILE B 16 11.98 -9.54 -12.59
CA ILE B 16 12.02 -8.11 -12.85
C ILE B 16 11.11 -7.71 -14.02
N VAL B 17 10.89 -8.63 -14.97
CA VAL B 17 9.92 -8.40 -16.03
C VAL B 17 8.57 -9.07 -15.78
N GLY B 18 8.28 -9.49 -14.54
CA GLY B 18 7.00 -10.10 -14.19
C GLY B 18 6.72 -11.48 -14.78
N ASN B 19 7.79 -12.19 -15.21
CA ASN B 19 7.64 -13.52 -15.81
C ASN B 19 7.64 -14.58 -14.71
N ARG B 20 6.48 -14.66 -14.04
CA ARG B 20 6.28 -15.54 -12.89
C ARG B 20 6.65 -17.00 -13.03
N ARG B 21 6.26 -17.65 -14.13
CA ARG B 21 6.23 -19.09 -14.19
C ARG B 21 7.63 -19.74 -14.05
N PRO B 22 8.65 -19.32 -14.82
CA PRO B 22 9.99 -19.90 -14.69
C PRO B 22 10.60 -19.59 -13.32
N ALA B 23 10.33 -18.40 -12.79
CA ALA B 23 10.82 -18.03 -11.47
C ALA B 23 10.19 -18.80 -10.31
N VAL B 24 8.88 -19.11 -10.36
CA VAL B 24 8.30 -19.95 -9.34
C VAL B 24 8.70 -21.40 -9.59
N ARG B 25 8.99 -21.78 -10.83
CA ARG B 25 9.50 -23.12 -11.12
C ARG B 25 10.83 -23.41 -10.41
N LEU B 26 11.79 -22.47 -10.49
CA LEU B 26 13.02 -22.54 -9.72
C LEU B 26 12.77 -22.76 -8.23
N THR B 27 11.85 -21.96 -7.68
CA THR B 27 11.50 -22.03 -6.27
C THR B 27 11.04 -23.46 -5.96
N LEU B 28 10.12 -23.98 -6.80
CA LEU B 28 9.57 -25.30 -6.57
C LEU B 28 10.53 -26.44 -6.89
N ASP B 29 11.50 -26.22 -7.79
CA ASP B 29 12.53 -27.22 -8.08
C ASP B 29 13.46 -27.47 -6.89
N LEU B 30 13.91 -26.37 -6.25
CA LEU B 30 14.64 -26.45 -5.00
C LEU B 30 13.87 -27.23 -3.94
N LEU B 31 12.59 -26.87 -3.74
CA LEU B 31 11.77 -27.54 -2.74
C LEU B 31 11.72 -29.05 -2.96
N ASP B 32 11.53 -29.44 -4.23
CA ASP B 32 11.45 -30.85 -4.62
C ASP B 32 12.79 -31.56 -4.48
N HIS B 33 13.90 -30.80 -4.53
CA HIS B 33 15.23 -31.35 -4.32
C HIS B 33 15.64 -31.26 -2.84
N ARG B 34 14.64 -31.14 -1.96
CA ARG B 34 14.81 -31.31 -0.52
C ARG B 34 15.54 -30.15 0.16
N VAL B 35 15.64 -29.00 -0.53
CA VAL B 35 16.10 -27.77 0.10
C VAL B 35 15.01 -27.31 1.07
N PRO B 36 15.36 -27.06 2.36
CA PRO B 36 14.41 -26.51 3.33
C PRO B 36 13.82 -25.20 2.82
N GLU B 37 12.52 -25.04 3.07
CA GLU B 37 11.77 -23.88 2.63
C GLU B 37 12.36 -22.58 3.19
N ALA B 38 12.72 -22.59 4.46
CA ALA B 38 13.34 -21.45 5.12
C ALA B 38 14.50 -20.89 4.29
N ASP B 39 15.36 -21.79 3.80
CA ASP B 39 16.49 -21.38 3.00
C ASP B 39 16.07 -20.80 1.65
N ILE B 40 15.02 -21.38 1.05
CA ILE B 40 14.53 -20.96 -0.24
C ILE B 40 14.07 -19.51 -0.08
N VAL B 41 13.25 -19.28 0.94
CA VAL B 41 12.74 -17.97 1.25
C VAL B 41 13.85 -16.97 1.56
N GLU B 42 14.82 -17.34 2.37
CA GLU B 42 15.83 -16.40 2.84
C GLU B 42 16.89 -16.18 1.77
N ASP B 43 17.43 -17.26 1.23
CA ASP B 43 18.61 -17.19 0.39
C ASP B 43 18.30 -16.88 -1.08
N LEU B 44 17.08 -17.19 -1.55
CA LEU B 44 16.68 -16.83 -2.91
C LEU B 44 15.74 -15.62 -2.92
N LEU B 45 14.52 -15.80 -2.40
CA LEU B 45 13.47 -14.80 -2.53
C LEU B 45 13.78 -13.51 -1.78
N ALA B 46 14.16 -13.59 -0.50
CA ALA B 46 14.41 -12.37 0.25
C ALA B 46 15.66 -11.69 -0.30
N ALA B 47 16.67 -12.50 -0.60
CA ALA B 47 17.93 -12.02 -1.14
C ALA B 47 17.73 -11.29 -2.46
N ALA B 48 16.95 -11.88 -3.36
CA ALA B 48 16.55 -11.24 -4.61
C ALA B 48 15.83 -9.91 -4.38
N GLN B 49 14.83 -9.93 -3.50
CA GLN B 49 14.08 -8.73 -3.17
C GLN B 49 14.96 -7.60 -2.60
N ARG B 50 15.91 -7.96 -1.74
CA ARG B 50 16.91 -7.00 -1.30
C ARG B 50 17.73 -6.46 -2.46
N GLU B 51 18.07 -7.28 -3.45
CA GLU B 51 18.88 -6.80 -4.56
C GLU B 51 18.04 -5.86 -5.42
N VAL B 52 16.76 -6.21 -5.65
CA VAL B 52 15.82 -5.30 -6.32
C VAL B 52 15.83 -3.94 -5.63
N GLY B 53 15.57 -3.92 -4.32
CA GLY B 53 15.64 -2.69 -3.56
C GLY B 53 16.93 -1.91 -3.74
N GLU B 54 18.08 -2.60 -3.77
CA GLU B 54 19.37 -1.92 -3.91
C GLU B 54 19.58 -1.30 -5.30
N ARG B 55 19.05 -1.97 -6.32
CA ARG B 55 19.12 -1.47 -7.67
C ARG B 55 18.22 -0.24 -7.90
N TRP B 56 17.03 -0.31 -7.33
CA TRP B 56 16.16 0.86 -7.26
C TRP B 56 16.91 2.01 -6.61
N TYR B 57 17.52 1.70 -5.45
CA TYR B 57 18.21 2.68 -4.63
C TYR B 57 19.36 3.31 -5.40
N ARG B 58 19.98 2.52 -6.29
CA ARG B 58 21.10 3.03 -7.07
C ARG B 58 20.59 3.64 -8.37
N ASN B 59 19.25 3.82 -8.49
CA ASN B 59 18.62 4.34 -9.70
C ASN B 59 18.94 3.52 -10.94
N GLU B 60 18.96 2.20 -10.78
CA GLU B 60 19.23 1.26 -11.87
C GLU B 60 17.96 0.51 -12.27
N LEU B 61 16.94 0.60 -11.40
CA LEU B 61 15.60 0.10 -11.62
C LEU B 61 14.55 1.16 -11.26
N SER B 62 13.34 1.03 -11.79
CA SER B 62 12.25 1.91 -11.38
C SER B 62 11.29 1.15 -10.45
N PRO B 63 10.34 1.88 -9.80
CA PRO B 63 9.26 1.22 -9.06
C PRO B 63 8.41 0.29 -9.90
N ALA B 64 8.46 0.46 -11.21
CA ALA B 64 7.63 -0.34 -12.10
C ALA B 64 8.26 -1.72 -12.18
N ASP B 65 9.57 -1.76 -12.37
CA ASP B 65 10.32 -3.01 -12.31
C ASP B 65 10.19 -3.73 -10.98
N GLU B 66 10.41 -3.01 -9.89
CA GLU B 66 10.23 -3.60 -8.58
C GLU B 66 8.81 -4.16 -8.34
N HIS B 67 7.76 -3.38 -8.72
CA HIS B 67 6.40 -3.87 -8.60
C HIS B 67 6.25 -5.25 -9.24
N LEU B 68 6.77 -5.41 -10.44
CA LEU B 68 6.77 -6.72 -11.08
C LEU B 68 7.60 -7.74 -10.27
N ALA B 69 8.81 -7.39 -9.88
CA ALA B 69 9.60 -8.32 -9.06
C ALA B 69 8.83 -8.74 -7.80
N SER B 70 8.16 -7.78 -7.14
CA SER B 70 7.46 -8.08 -5.89
C SER B 70 6.24 -8.97 -6.15
N GLY B 71 5.60 -8.83 -7.29
CA GLY B 71 4.51 -9.73 -7.62
C GLY B 71 5.00 -11.17 -7.81
N VAL B 72 6.16 -11.33 -8.45
CA VAL B 72 6.70 -12.66 -8.69
C VAL B 72 7.07 -13.35 -7.36
N ALA B 73 7.60 -12.55 -6.43
CA ALA B 73 7.93 -12.98 -5.09
C ALA B 73 6.67 -13.46 -4.36
N GLY B 74 5.59 -12.66 -4.45
CA GLY B 74 4.34 -13.08 -3.86
C GLY B 74 3.81 -14.35 -4.49
N ALA B 75 4.04 -14.55 -5.79
CA ALA B 75 3.56 -15.73 -6.48
C ALA B 75 4.37 -16.96 -6.08
N ALA B 76 5.67 -16.76 -5.85
CA ALA B 76 6.53 -17.81 -5.31
C ALA B 76 6.11 -18.26 -3.91
N LEU B 77 5.86 -17.31 -3.01
CA LEU B 77 5.33 -17.62 -1.69
C LEU B 77 4.00 -18.38 -1.75
N ASP B 78 3.12 -17.94 -2.65
CA ASP B 78 1.85 -18.63 -2.87
C ASP B 78 2.01 -20.07 -3.33
N ALA B 79 2.91 -20.28 -4.31
CA ALA B 79 3.22 -21.61 -4.80
C ALA B 79 3.71 -22.51 -3.67
N LEU B 80 4.68 -21.99 -2.89
CA LEU B 80 5.28 -22.69 -1.75
C LEU B 80 4.21 -23.03 -0.73
N ALA B 81 3.32 -22.06 -0.44
CA ALA B 81 2.29 -22.31 0.57
C ALA B 81 1.34 -23.43 0.13
N ALA B 82 1.13 -23.57 -1.19
CA ALA B 82 0.25 -24.60 -1.69
C ALA B 82 0.88 -26.00 -1.61
N GLU B 83 2.18 -26.07 -1.35
CA GLU B 83 2.85 -27.35 -1.17
C GLU B 83 2.89 -27.82 0.28
N LEU B 84 2.72 -26.90 1.24
CA LEU B 84 2.84 -27.22 2.65
C LEU B 84 1.84 -28.27 3.13
N PRO B 85 2.25 -29.19 4.03
CA PRO B 85 1.30 -29.93 4.86
C PRO B 85 0.60 -28.99 5.83
N PRO B 86 -0.54 -29.40 6.42
CA PRO B 86 -1.23 -28.53 7.38
C PRO B 86 -0.38 -28.30 8.63
N PRO B 87 -0.70 -27.31 9.48
CA PRO B 87 0.02 -27.12 10.75
C PRO B 87 0.10 -28.37 11.64
N THR B 88 1.30 -28.63 12.18
CA THR B 88 1.48 -29.68 13.18
C THR B 88 1.34 -29.16 14.61
N ARG B 89 1.53 -27.86 14.80
CA ARG B 89 1.42 -27.19 16.08
C ARG B 89 0.10 -26.45 16.18
N ASP B 90 -0.51 -26.57 17.36
CA ASP B 90 -1.64 -25.74 17.74
C ASP B 90 -1.12 -24.43 18.33
N GLY B 91 -1.96 -23.38 18.27
CA GLY B 91 -1.60 -22.06 18.77
C GLY B 91 -1.26 -21.07 17.65
N LEU B 92 -2.17 -20.12 17.43
CA LEU B 92 -2.12 -19.21 16.30
C LEU B 92 -1.17 -18.04 16.56
N VAL B 93 -0.20 -17.88 15.64
CA VAL B 93 0.64 -16.70 15.61
C VAL B 93 0.13 -15.75 14.53
N VAL B 94 -0.04 -14.49 14.94
CA VAL B 94 -0.52 -13.42 14.09
C VAL B 94 0.68 -12.57 13.70
N VAL B 95 0.93 -12.50 12.38
CA VAL B 95 2.03 -11.70 11.86
C VAL B 95 1.48 -10.46 11.19
N ALA B 96 1.97 -9.30 11.65
CA ALA B 96 1.56 -8.00 11.15
C ALA B 96 2.75 -7.13 10.79
N CYS B 97 2.67 -6.42 9.65
CA CYS B 97 3.54 -5.28 9.41
C CYS B 97 3.20 -4.23 10.47
N ALA B 98 4.15 -3.33 10.73
CA ALA B 98 3.91 -2.26 11.67
C ALA B 98 2.88 -1.34 11.03
N GLU B 99 2.09 -0.67 11.86
CA GLU B 99 1.15 0.31 11.36
C GLU B 99 1.92 1.42 10.62
N GLY B 100 1.47 1.74 9.39
CA GLY B 100 2.17 2.65 8.52
C GLY B 100 3.08 1.96 7.52
N ASP B 101 3.36 0.67 7.73
CA ASP B 101 4.31 -0.09 6.93
C ASP B 101 3.59 -0.96 5.91
N TRP B 102 3.94 -0.79 4.63
CA TRP B 102 3.28 -1.51 3.56
C TRP B 102 4.18 -2.54 2.90
N HIS B 103 5.26 -2.96 3.59
CA HIS B 103 6.11 -4.01 3.06
C HIS B 103 5.51 -5.35 3.46
N SER B 104 4.36 -5.69 2.88
CA SER B 104 3.67 -6.92 3.23
C SER B 104 4.56 -8.15 3.19
N LEU B 105 5.46 -8.15 2.19
CA LEU B 105 6.32 -9.29 1.92
C LEU B 105 7.28 -9.68 3.05
N SER B 106 7.63 -8.71 3.91
CA SER B 106 8.43 -8.99 5.08
C SER B 106 7.63 -9.91 6.01
N ALA B 107 6.40 -9.50 6.31
CA ALA B 107 5.52 -10.27 7.19
C ALA B 107 5.23 -11.64 6.61
N GLN B 108 5.01 -11.67 5.27
CA GLN B 108 4.63 -12.88 4.56
C GLN B 108 5.77 -13.89 4.46
N MET B 109 6.98 -13.41 4.14
CA MET B 109 8.16 -14.25 4.11
C MET B 109 8.45 -14.83 5.50
N PHE B 110 8.37 -13.97 6.52
CA PHE B 110 8.54 -14.44 7.89
C PHE B 110 7.49 -15.50 8.22
N GLY B 111 6.22 -15.14 8.07
CA GLY B 111 5.13 -16.04 8.39
C GLY B 111 5.17 -17.37 7.66
N GLU B 112 5.57 -17.34 6.39
CA GLU B 112 5.71 -18.56 5.62
C GLU B 112 6.84 -19.46 6.12
N THR B 113 7.94 -18.84 6.56
CA THR B 113 9.03 -19.63 7.14
C THR B 113 8.52 -20.34 8.39
N LEU B 114 7.79 -19.60 9.25
CA LEU B 114 7.12 -20.20 10.39
C LEU B 114 6.21 -21.37 10.04
N ARG B 115 5.36 -21.17 9.03
CA ARG B 115 4.50 -22.24 8.56
C ARG B 115 5.30 -23.49 8.25
N ALA B 116 6.44 -23.30 7.58
CA ALA B 116 7.29 -24.40 7.21
C ALA B 116 7.91 -25.10 8.42
N SER B 117 7.83 -24.48 9.63
CA SER B 117 8.13 -25.19 10.88
C SER B 117 6.89 -25.74 11.60
N GLY B 118 5.73 -25.71 10.92
CA GLY B 118 4.50 -26.38 11.37
C GLY B 118 3.61 -25.50 12.25
N PHE B 119 3.97 -24.22 12.38
CA PHE B 119 3.11 -23.22 12.97
C PHE B 119 1.84 -22.91 12.18
N ASP B 120 0.76 -22.68 12.92
CA ASP B 120 -0.48 -22.09 12.46
C ASP B 120 -0.33 -20.56 12.52
N VAL B 121 -0.40 -19.93 11.34
CA VAL B 121 0.02 -18.54 11.15
C VAL B 121 -1.01 -17.77 10.31
N SER B 122 -1.43 -16.59 10.80
CA SER B 122 -2.28 -15.68 10.03
C SER B 122 -1.52 -14.38 9.77
N VAL B 123 -1.20 -14.15 8.49
CA VAL B 123 -0.42 -12.98 8.11
C VAL B 123 -1.38 -11.87 7.66
N LEU B 124 -1.53 -10.84 8.52
CA LEU B 124 -2.27 -9.64 8.18
C LEU B 124 -1.52 -8.83 7.12
N GLY B 125 -0.19 -8.99 7.04
CA GLY B 125 0.60 -8.25 6.08
C GLY B 125 0.63 -6.75 6.40
N ALA B 126 0.43 -5.93 5.34
CA ALA B 126 0.58 -4.49 5.39
C ALA B 126 -0.33 -3.82 6.41
N SER B 127 0.12 -2.66 6.90
CA SER B 127 -0.57 -1.81 7.88
C SER B 127 -2.04 -2.08 8.19
N THR B 128 -2.30 -2.40 9.49
CA THR B 128 -3.64 -2.54 10.04
C THR B 128 -3.84 -1.61 11.23
N PRO B 129 -5.01 -0.96 11.41
CA PRO B 129 -5.23 -0.20 12.65
C PRO B 129 -4.88 -1.02 13.90
N ARG B 130 -4.19 -0.37 14.83
CA ARG B 130 -3.81 -0.96 16.09
C ARG B 130 -5.01 -1.69 16.69
N THR B 131 -6.14 -0.98 16.89
CA THR B 131 -7.24 -1.59 17.63
C THR B 131 -7.85 -2.77 16.88
N ALA B 132 -7.67 -2.82 15.56
CA ALA B 132 -8.16 -3.94 14.76
C ALA B 132 -7.31 -5.20 14.90
N VAL B 133 -6.00 -4.98 15.15
CA VAL B 133 -5.08 -6.08 15.37
C VAL B 133 -5.35 -6.75 16.72
N VAL B 134 -5.61 -5.94 17.76
CA VAL B 134 -5.79 -6.52 19.09
C VAL B 134 -7.13 -7.27 19.10
N ASP B 135 -8.15 -6.63 18.50
CA ASP B 135 -9.45 -7.24 18.34
C ASP B 135 -9.40 -8.57 17.57
N PHE B 136 -8.56 -8.65 16.53
CA PHE B 136 -8.30 -9.91 15.84
C PHE B 136 -7.65 -10.97 16.72
N LEU B 137 -6.66 -10.55 17.53
CA LEU B 137 -5.99 -11.45 18.46
C LEU B 137 -7.04 -12.03 19.38
N THR B 138 -7.90 -11.17 19.93
CA THR B 138 -9.00 -11.57 20.80
C THR B 138 -9.97 -12.56 20.16
N ARG B 139 -10.42 -12.26 18.94
CA ARG B 139 -11.45 -13.06 18.29
C ARG B 139 -10.89 -14.38 17.77
N ALA B 140 -9.67 -14.34 17.23
CA ALA B 140 -9.03 -15.51 16.65
C ALA B 140 -8.25 -16.35 17.67
N GLY B 141 -8.28 -15.96 18.95
CA GLY B 141 -7.55 -16.62 20.02
C GLY B 141 -6.04 -16.75 19.80
N GLY B 142 -5.42 -15.70 19.26
CA GLY B 142 -4.00 -15.67 19.00
C GLY B 142 -3.17 -15.85 20.27
N ASP B 143 -2.17 -16.74 20.16
CA ASP B 143 -1.19 -16.99 21.21
C ASP B 143 -0.20 -15.82 21.32
N SER B 144 0.27 -15.37 20.15
CA SER B 144 1.42 -14.49 20.07
C SER B 144 1.23 -13.56 18.88
N LEU B 145 1.72 -12.33 19.05
CA LEU B 145 1.85 -11.35 17.98
C LEU B 145 3.30 -11.20 17.56
N ALA B 146 3.56 -11.35 16.26
CA ALA B 146 4.81 -10.97 15.63
C ALA B 146 4.61 -9.71 14.77
N VAL B 147 5.39 -8.67 15.07
CA VAL B 147 5.33 -7.43 14.35
C VAL B 147 6.59 -7.30 13.50
N SER B 148 6.40 -7.09 12.18
CA SER B 148 7.48 -6.93 11.22
C SER B 148 7.64 -5.46 10.88
N CYS B 149 8.82 -4.87 11.12
CA CYS B 149 8.99 -3.44 10.96
C CYS B 149 10.16 -3.11 10.03
N ASN B 150 9.88 -2.43 8.91
CA ASN B 150 10.87 -2.27 7.86
C ASN B 150 11.63 -0.95 7.86
N MET B 151 11.14 0.00 8.65
CA MET B 151 11.80 1.28 8.81
C MET B 151 11.58 1.72 10.25
N PRO B 152 12.55 2.44 10.84
CA PRO B 152 12.45 2.85 12.25
C PRO B 152 11.46 3.98 12.46
N ILE B 153 11.02 4.61 11.38
CA ILE B 153 9.97 5.61 11.49
C ILE B 153 8.62 5.06 11.94
N PHE B 154 8.48 3.73 12.01
CA PHE B 154 7.22 3.14 12.45
C PHE B 154 7.17 2.81 13.94
N PHE B 155 8.27 3.09 14.66
CA PHE B 155 8.44 2.64 16.03
C PHE B 155 7.38 3.15 17.00
N PRO B 156 6.95 4.43 16.94
CA PRO B 156 5.97 4.93 17.91
C PRO B 156 4.76 4.02 17.96
N GLY B 157 4.27 3.62 16.78
CA GLY B 157 3.10 2.78 16.69
C GLY B 157 3.33 1.33 17.08
N VAL B 158 4.55 0.83 16.85
CA VAL B 158 4.91 -0.49 17.34
C VAL B 158 4.85 -0.50 18.88
N ALA B 159 5.35 0.58 19.49
CA ALA B 159 5.31 0.72 20.94
C ALA B 159 3.85 0.70 21.43
N GLN B 160 3.00 1.49 20.78
CA GLN B 160 1.60 1.57 21.13
C GLN B 160 0.94 0.21 20.97
N LEU B 161 1.34 -0.51 19.91
CA LEU B 161 0.73 -1.79 19.59
C LEU B 161 1.11 -2.84 20.62
N ILE B 162 2.40 -2.89 20.97
CA ILE B 162 2.88 -3.69 22.08
C ILE B 162 2.06 -3.45 23.35
N ASN B 163 1.84 -2.18 23.68
CA ASN B 163 1.03 -1.80 24.82
C ASN B 163 -0.40 -2.33 24.74
N ALA B 164 -1.03 -2.23 23.57
CA ALA B 164 -2.40 -2.69 23.41
C ALA B 164 -2.47 -4.22 23.54
N ALA B 165 -1.45 -4.89 23.01
CA ALA B 165 -1.38 -6.34 23.06
C ALA B 165 -1.21 -6.82 24.50
N HIS B 166 -0.39 -6.09 25.27
CA HIS B 166 -0.19 -6.39 26.68
C HIS B 166 -1.51 -6.30 27.45
N GLU B 167 -2.27 -5.22 27.22
CA GLU B 167 -3.57 -5.06 27.85
C GLU B 167 -4.51 -6.27 27.73
N ILE B 168 -4.28 -7.12 26.73
CA ILE B 168 -5.13 -8.28 26.49
C ILE B 168 -4.35 -9.57 26.71
N GLY B 169 -3.20 -9.46 27.41
CA GLY B 169 -2.45 -10.61 27.88
C GLY B 169 -1.45 -11.22 26.90
N VAL B 170 -1.31 -10.63 25.71
CA VAL B 170 -0.62 -11.25 24.59
C VAL B 170 0.84 -10.78 24.46
N PRO B 171 1.79 -11.72 24.26
CA PRO B 171 3.21 -11.36 24.08
C PRO B 171 3.60 -11.04 22.64
N VAL B 172 4.53 -10.07 22.50
CA VAL B 172 4.96 -9.58 21.18
C VAL B 172 6.45 -9.79 20.95
N ILE B 173 6.75 -10.55 19.89
CA ILE B 173 8.07 -10.59 19.29
C ILE B 173 8.10 -9.58 18.14
N VAL B 174 9.23 -8.89 17.97
CA VAL B 174 9.38 -8.00 16.82
C VAL B 174 10.60 -8.38 16.01
N GLY B 175 10.69 -7.86 14.80
CA GLY B 175 11.81 -8.10 13.91
C GLY B 175 11.63 -7.34 12.59
N GLY B 176 12.35 -7.80 11.56
CA GLY B 176 12.60 -7.10 10.33
C GLY B 176 13.65 -6.01 10.44
N ARG B 177 14.09 -5.47 9.31
CA ARG B 177 15.32 -4.69 9.24
C ARG B 177 15.37 -3.45 10.14
N ALA B 178 14.24 -2.82 10.44
CA ALA B 178 14.27 -1.64 11.32
C ALA B 178 14.89 -1.92 12.69
N PHE B 179 14.71 -3.15 13.21
CA PHE B 179 15.18 -3.48 14.55
C PHE B 179 16.65 -3.86 14.65
N GLY B 180 17.38 -3.86 13.51
CA GLY B 180 18.81 -4.07 13.49
C GLY B 180 19.23 -5.51 13.73
N ASP B 181 20.45 -5.70 14.26
CA ASP B 181 21.04 -7.03 14.39
C ASP B 181 21.01 -7.56 15.81
N ASP B 182 20.40 -6.82 16.74
CA ASP B 182 20.23 -7.27 18.11
C ASP B 182 18.94 -6.71 18.70
N ASP B 183 18.70 -7.01 19.99
CA ASP B 183 17.40 -6.76 20.61
C ASP B 183 17.25 -5.41 21.32
N ARG B 184 18.26 -4.52 21.18
CA ARG B 184 18.28 -3.26 21.91
C ARG B 184 17.12 -2.33 21.52
N ARG B 185 16.88 -2.15 20.22
CA ARG B 185 15.75 -1.33 19.81
C ARG B 185 14.42 -1.94 20.25
N ALA B 186 14.28 -3.27 20.04
CA ALA B 186 13.08 -4.01 20.46
C ALA B 186 12.79 -3.84 21.95
N ALA B 187 13.82 -4.06 22.78
CA ALA B 187 13.70 -3.93 24.22
C ALA B 187 13.31 -2.52 24.63
N ARG B 188 13.88 -1.51 23.97
CA ARG B 188 13.58 -0.12 24.27
C ARG B 188 12.11 0.25 24.10
N LEU B 189 11.40 -0.50 23.24
CA LEU B 189 9.97 -0.33 23.00
C LEU B 189 9.08 -1.28 23.82
N GLY B 190 9.70 -2.15 24.64
CA GLY B 190 8.95 -3.04 25.51
C GLY B 190 8.51 -4.36 24.89
N ALA B 191 9.11 -4.70 23.73
CA ALA B 191 8.83 -5.98 23.10
C ALA B 191 9.24 -7.06 24.10
N ASP B 192 8.48 -8.16 24.09
CA ASP B 192 8.76 -9.29 24.96
C ASP B 192 9.90 -10.12 24.39
N ALA B 193 10.18 -9.94 23.09
CA ALA B 193 11.26 -10.66 22.44
C ALA B 193 11.63 -10.00 21.10
N TRP B 194 12.75 -10.47 20.56
CA TRP B 194 13.31 -10.05 19.30
C TRP B 194 13.99 -11.27 18.68
N ALA B 195 13.93 -11.40 17.36
CA ALA B 195 14.78 -12.36 16.66
C ALA B 195 15.06 -11.90 15.23
N ALA B 196 16.08 -12.51 14.62
CA ALA B 196 16.61 -12.14 13.32
C ALA B 196 15.88 -12.85 12.18
N GLY B 197 15.30 -14.00 12.49
CA GLY B 197 14.65 -14.82 11.49
C GLY B 197 13.75 -15.85 12.16
N ALA B 198 13.22 -16.78 11.36
CA ALA B 198 12.25 -17.75 11.83
C ALA B 198 12.82 -18.74 12.85
N SER B 199 14.05 -19.21 12.58
CA SER B 199 14.66 -20.25 13.38
C SER B 199 14.56 -19.92 14.87
N GLU B 200 15.04 -18.72 15.23
N GLU B 200 15.05 -18.71 15.25
CA GLU B 200 15.02 -18.26 16.61
CA GLU B 200 15.02 -18.23 16.62
C GLU B 200 13.59 -17.96 17.08
C GLU B 200 13.61 -17.92 17.11
N ALA B 201 12.81 -17.26 16.24
CA ALA B 201 11.43 -16.93 16.57
C ALA B 201 10.53 -18.13 16.83
N ALA B 202 10.74 -19.21 16.06
CA ALA B 202 10.14 -20.52 16.34
C ALA B 202 10.39 -21.07 17.75
N GLU B 203 11.57 -20.81 18.31
CA GLU B 203 11.88 -21.26 19.67
C GLU B 203 11.08 -20.42 20.65
N ILE B 204 11.12 -19.09 20.42
CA ILE B 204 10.46 -18.19 21.34
C ILE B 204 8.95 -18.43 21.31
N LEU B 205 8.42 -18.57 20.10
CA LEU B 205 6.98 -18.71 19.91
C LEU B 205 6.48 -20.04 20.49
N ALA B 206 7.21 -21.14 20.19
CA ALA B 206 6.82 -22.45 20.67
C ALA B 206 6.82 -22.47 22.19
N GLY B 207 7.72 -21.66 22.76
CA GLY B 207 7.83 -21.45 24.20
C GLY B 207 6.65 -20.66 24.78
N TRP B 208 6.18 -19.66 24.03
CA TRP B 208 5.01 -18.91 24.43
C TRP B 208 3.72 -19.71 24.32
N HIS B 209 3.67 -20.66 23.36
CA HIS B 209 2.54 -21.58 23.27
C HIS B 209 2.48 -22.44 24.52
N ALA B 210 3.63 -23.09 24.85
CA ALA B 210 3.74 -24.03 25.95
C ALA B 210 3.56 -23.37 27.33
N ARG B 211 4.25 -22.25 27.54
CA ARG B 211 4.16 -21.51 28.79
C ARG B 211 3.86 -20.05 28.45
N ARG B 212 2.57 -19.67 28.55
CA ARG B 212 2.12 -18.34 28.22
C ARG B 212 2.66 -17.32 29.23
N PRO B 213 3.65 -16.46 28.87
CA PRO B 213 4.38 -15.66 29.86
C PRO B 213 3.63 -14.43 30.39
N GLU B 214 4.06 -13.93 31.55
CA GLU B 214 3.58 -12.67 32.09
C GLU B 214 4.06 -11.53 31.20
N VAL B 215 3.23 -10.49 31.08
CA VAL B 215 3.52 -9.31 30.28
C VAL B 215 3.19 -8.08 31.13
N GLY B 216 4.06 -7.07 31.09
CA GLY B 216 3.99 -5.94 32.02
C GLY B 216 2.59 -5.39 32.31
N SER B 217 1.99 -4.75 31.30
CA SER B 217 0.81 -3.89 31.46
C SER B 217 1.19 -2.54 32.07
N GLU B 218 2.51 -2.29 32.19
CA GLU B 218 3.08 -0.97 32.41
C GLU B 218 3.81 -0.55 31.12
N PRO B 219 3.41 0.56 30.46
CA PRO B 219 4.02 0.93 29.18
C PRO B 219 5.49 1.28 29.32
N ALA B 220 6.31 0.80 28.37
CA ALA B 220 7.74 1.07 28.33
C ALA B 220 7.99 2.58 28.16
N PRO B 221 8.90 3.18 28.96
CA PRO B 221 9.07 4.63 28.95
C PRO B 221 9.73 5.11 27.65
N LEU B 222 9.22 6.21 27.10
CA LEU B 222 9.69 6.78 25.85
C LEU B 222 9.85 8.29 26.03
N ASP B 223 10.77 8.89 25.29
CA ASP B 223 11.02 10.32 25.42
C ASP B 223 9.90 11.11 24.76
N GLY B 224 9.16 11.90 25.54
CA GLY B 224 8.02 12.66 25.06
C GLY B 224 8.36 13.68 23.97
N ALA B 225 9.54 14.32 24.12
CA ALA B 225 10.03 15.28 23.15
C ALA B 225 10.32 14.60 21.82
N ALA B 226 10.79 13.35 21.88
CA ALA B 226 11.00 12.54 20.69
C ALA B 226 9.69 12.24 19.98
N LEU B 227 8.62 11.97 20.77
CA LEU B 227 7.28 11.73 20.24
C LEU B 227 6.58 12.96 19.68
N ARG B 228 6.76 14.11 20.34
CA ARG B 228 6.25 15.38 19.84
C ARG B 228 6.90 15.76 18.52
N LEU B 229 8.18 15.40 18.35
CA LEU B 229 8.90 15.64 17.12
C LEU B 229 8.41 14.73 16.00
N PHE B 230 8.02 13.50 16.37
CA PHE B 230 7.35 12.61 15.45
C PHE B 230 6.06 13.25 14.94
N ALA B 231 5.17 13.59 15.87
CA ALA B 231 3.86 14.16 15.58
C ALA B 231 3.93 15.39 14.65
N ALA B 232 4.95 16.22 14.83
CA ALA B 232 5.11 17.47 14.10
C ALA B 232 5.80 17.36 12.74
N SER B 233 6.21 16.15 12.31
CA SER B 233 7.02 16.00 11.12
C SER B 233 6.42 16.66 9.88
N SER B 234 5.12 16.41 9.64
CA SER B 234 4.37 17.11 8.59
C SER B 234 4.54 18.61 8.62
N THR B 235 4.14 19.21 9.75
CA THR B 235 4.16 20.65 9.93
C THR B 235 5.51 21.27 9.58
N LEU B 236 6.57 20.65 10.10
CA LEU B 236 7.93 21.17 9.99
C LEU B 236 8.42 21.09 8.55
N ALA B 237 8.15 19.95 7.90
CA ALA B 237 8.51 19.77 6.50
C ALA B 237 7.74 20.76 5.62
N THR B 238 6.40 20.72 5.70
CA THR B 238 5.56 21.53 4.83
C THR B 238 5.86 23.02 5.04
N ALA B 239 6.11 23.42 6.30
CA ALA B 239 6.43 24.81 6.62
C ALA B 239 7.84 25.20 6.21
N THR B 240 8.76 24.23 6.21
CA THR B 240 10.12 24.46 5.73
C THR B 240 10.12 24.72 4.23
N VAL B 241 9.31 23.95 3.50
CA VAL B 241 9.21 24.05 2.07
C VAL B 241 8.46 25.30 1.59
N ASP B 242 7.63 25.92 2.45
CA ASP B 242 6.90 27.13 2.10
C ASP B 242 7.83 28.34 1.98
N GLU B 243 8.50 28.68 3.09
CA GLU B 243 9.77 29.38 3.03
C GLU B 243 10.64 28.47 2.16
N LEU B 244 11.68 29.03 1.53
CA LEU B 244 12.46 28.32 0.52
C LEU B 244 11.85 28.49 -0.87
N THR B 245 10.51 28.59 -0.94
CA THR B 245 9.79 28.85 -2.17
C THR B 245 8.89 30.08 -2.01
N ALA B 246 9.51 31.24 -1.81
CA ALA B 246 8.80 32.51 -1.67
C ALA B 246 8.22 32.99 -3.03
N SER B 249 13.38 33.77 -2.93
CA SER B 249 13.02 32.38 -3.15
C SER B 249 14.27 31.55 -3.42
N PRO B 250 14.95 31.02 -2.37
CA PRO B 250 16.30 30.46 -2.52
C PRO B 250 16.49 29.19 -3.36
N ILE B 251 15.40 28.50 -3.74
CA ILE B 251 15.44 27.57 -4.87
C ILE B 251 14.04 27.32 -5.44
N LEU B 252 13.76 28.01 -6.55
CA LEU B 252 12.55 27.80 -7.32
C LEU B 252 12.98 27.85 -8.77
N LEU B 254 12.27 25.00 -8.68
CA LEU B 254 11.54 23.86 -8.15
C LEU B 254 10.10 23.77 -8.67
N ASP B 255 9.81 22.67 -9.39
CA ASP B 255 8.45 22.41 -9.86
C ASP B 255 7.66 21.54 -8.87
N ALA B 256 6.34 21.46 -9.10
CA ALA B 256 5.41 20.75 -8.25
C ALA B 256 5.83 19.32 -7.91
N ASP B 257 6.56 18.66 -8.82
CA ASP B 257 7.13 17.35 -8.52
C ASP B 257 8.30 17.43 -7.54
N GLN B 258 9.19 18.40 -7.76
CA GLN B 258 10.38 18.58 -6.95
C GLN B 258 10.06 19.06 -5.54
N VAL B 259 9.12 20.01 -5.43
CA VAL B 259 8.64 20.45 -4.14
C VAL B 259 8.03 19.31 -3.33
N ASP B 260 7.36 18.35 -3.99
CA ASP B 260 6.73 17.24 -3.29
C ASP B 260 7.76 16.20 -2.84
N GLN B 261 8.76 15.96 -3.69
CA GLN B 261 9.85 15.05 -3.36
C GLN B 261 10.64 15.58 -2.18
N LEU B 262 11.02 16.86 -2.25
CA LEU B 262 11.72 17.51 -1.16
C LEU B 262 10.89 17.41 0.12
N ARG B 263 9.63 17.86 0.04
CA ARG B 263 8.76 17.83 1.20
C ARG B 263 8.72 16.43 1.82
N GLU B 264 8.64 15.41 0.96
CA GLU B 264 8.48 14.05 1.42
C GLU B 264 9.77 13.58 2.12
N HIS B 265 10.93 13.98 1.57
CA HIS B 265 12.22 13.65 2.15
C HIS B 265 12.40 14.28 3.53
N LEU B 266 11.96 15.53 3.69
CA LEU B 266 12.07 16.23 4.96
C LEU B 266 11.15 15.67 6.03
N VAL B 267 9.99 15.11 5.64
CA VAL B 267 9.13 14.44 6.60
C VAL B 267 9.85 13.19 7.11
N PHE B 268 10.47 12.45 6.18
CA PHE B 268 11.26 11.28 6.53
C PHE B 268 12.43 11.66 7.44
N ALA B 269 13.14 12.73 7.11
CA ALA B 269 14.29 13.19 7.88
C ALA B 269 13.94 13.36 9.34
N VAL B 270 12.84 14.06 9.61
CA VAL B 270 12.39 14.35 10.96
C VAL B 270 11.94 13.08 11.66
N GLN B 271 11.51 12.07 10.89
CA GLN B 271 11.02 10.84 11.49
C GLN B 271 12.14 9.87 11.87
N PHE B 272 13.17 9.78 11.01
CA PHE B 272 14.41 9.11 11.37
C PHE B 272 15.10 9.77 12.55
N LEU B 273 15.11 11.11 12.55
CA LEU B 273 15.71 11.83 13.67
C LEU B 273 14.94 11.50 14.95
N ALA B 274 13.61 11.58 14.89
CA ALA B 274 12.77 11.26 16.04
C ALA B 274 12.95 9.81 16.52
N ALA B 275 13.15 8.88 15.58
CA ALA B 275 13.31 7.47 15.86
C ALA B 275 14.63 7.17 16.57
N ALA B 276 15.72 7.76 16.03
CA ALA B 276 17.02 7.77 16.66
C ALA B 276 16.94 8.22 18.13
N ARG B 277 16.25 9.33 18.36
CA ARG B 277 16.07 9.87 19.69
C ARG B 277 15.26 8.95 20.60
N LEU B 278 14.18 8.39 20.05
CA LEU B 278 13.25 7.58 20.82
C LEU B 278 13.86 6.34 21.47
N VAL B 279 14.65 5.60 20.67
CA VAL B 279 15.29 4.37 21.10
C VAL B 279 16.78 4.60 21.35
N ASP B 280 17.16 5.88 21.52
CA ASP B 280 18.48 6.29 21.99
C ASP B 280 19.63 5.66 21.22
N ASP B 281 19.49 5.66 19.89
CA ASP B 281 20.49 5.12 18.99
C ASP B 281 20.72 6.13 17.87
N ASP B 282 21.77 6.93 18.04
CA ASP B 282 22.17 7.93 17.06
C ASP B 282 22.34 7.38 15.64
N SER B 283 22.79 6.12 15.51
CA SER B 283 23.10 5.55 14.19
C SER B 283 21.91 5.55 13.24
N ILE B 284 20.70 5.51 13.81
CA ILE B 284 19.49 5.54 13.00
C ILE B 284 19.42 6.81 12.16
N PHE B 285 19.75 7.94 12.78
CA PHE B 285 19.77 9.20 12.05
C PHE B 285 20.99 9.30 11.13
N GLU B 286 22.16 8.86 11.60
CA GLU B 286 23.39 8.97 10.84
C GLU B 286 23.34 8.09 9.59
N ASP B 287 22.80 6.88 9.74
CA ASP B 287 22.59 5.98 8.62
C ASP B 287 21.61 6.51 7.60
N PHE B 288 20.59 7.26 8.05
CA PHE B 288 19.65 7.91 7.17
C PHE B 288 20.30 8.98 6.28
N LEU B 289 21.16 9.80 6.88
CA LEU B 289 21.88 10.83 6.12
C LEU B 289 22.78 10.21 5.04
N VAL B 290 23.55 9.18 5.41
CA VAL B 290 24.30 8.39 4.45
C VAL B 290 23.37 7.84 3.36
N TRP B 291 22.27 7.22 3.78
CA TRP B 291 21.32 6.61 2.86
C TRP B 291 20.81 7.65 1.84
N ILE B 292 20.23 8.75 2.33
CA ILE B 292 19.60 9.70 1.44
C ILE B 292 20.59 10.43 0.54
N ASP B 293 21.78 10.69 1.07
CA ASP B 293 22.82 11.40 0.34
C ASP B 293 23.18 10.63 -0.94
N GLU B 294 23.30 9.32 -0.80
CA GLU B 294 23.62 8.46 -1.93
C GLU B 294 22.42 8.16 -2.84
N LEU B 295 21.20 8.18 -2.28
CA LEU B 295 20.00 8.08 -3.09
C LEU B 295 19.96 9.16 -4.17
N LEU B 296 20.21 10.41 -3.74
CA LEU B 296 20.18 11.58 -4.59
C LEU B 296 21.37 11.69 -5.54
N ARG B 297 22.48 11.11 -5.14
CA ARG B 297 23.71 11.21 -5.90
C ARG B 297 23.60 10.44 -7.21
N THR B 298 22.92 9.29 -7.21
CA THR B 298 22.76 8.54 -8.45
C THR B 298 21.67 9.11 -9.36
N ARG B 299 20.88 10.08 -8.83
CA ARG B 299 19.76 10.65 -9.53
C ARG B 299 20.01 12.06 -10.10
N ASP B 300 21.27 12.51 -10.04
CA ASP B 300 21.68 13.78 -10.65
C ASP B 300 20.72 14.92 -10.29
N VAL B 301 20.48 15.09 -8.99
CA VAL B 301 19.78 16.26 -8.46
C VAL B 301 20.73 16.90 -7.44
N PRO B 302 21.29 18.09 -7.75
CA PRO B 302 22.17 18.79 -6.81
C PRO B 302 21.66 18.77 -5.37
N ARG B 303 22.58 18.46 -4.44
CA ARG B 303 22.25 18.29 -3.03
C ARG B 303 22.30 19.59 -2.24
N GLU B 304 22.43 20.74 -2.91
CA GLU B 304 22.25 22.02 -2.25
C GLU B 304 20.81 22.17 -1.78
N VAL B 305 19.88 21.55 -2.52
CA VAL B 305 18.46 21.52 -2.21
C VAL B 305 18.14 20.87 -0.86
N LEU B 306 18.67 19.66 -0.67
CA LEU B 306 18.42 18.90 0.54
C LEU B 306 19.15 19.56 1.72
N ALA B 307 20.39 19.97 1.49
CA ALA B 307 21.16 20.72 2.47
C ALA B 307 20.35 21.92 2.94
N ALA B 308 19.89 22.73 1.98
CA ALA B 308 19.04 23.88 2.25
C ALA B 308 17.79 23.45 3.04
N GLY B 309 17.21 22.32 2.64
CA GLY B 309 16.08 21.73 3.35
C GLY B 309 16.38 21.41 4.81
N LEU B 310 17.46 20.65 5.04
CA LEU B 310 17.89 20.30 6.39
C LEU B 310 18.18 21.58 7.16
N GLU B 311 18.98 22.47 6.56
CA GLU B 311 19.24 23.79 7.11
C GLU B 311 17.97 24.40 7.68
N GLY B 312 16.90 24.42 6.86
CA GLY B 312 15.65 25.06 7.22
C GLY B 312 14.98 24.40 8.41
N LEU B 313 15.07 23.06 8.47
CA LEU B 313 14.46 22.28 9.54
C LEU B 313 15.07 22.64 10.90
N ARG B 314 16.37 22.95 10.89
CA ARG B 314 17.17 23.10 12.10
C ARG B 314 16.44 23.84 13.21
N ALA B 315 16.08 25.12 12.98
CA ALA B 315 15.54 25.99 14.02
C ALA B 315 14.25 25.46 14.64
N LYS B 316 13.39 24.86 13.81
CA LYS B 316 12.07 24.40 14.25
C LYS B 316 12.17 23.06 14.98
N VAL B 317 13.05 22.19 14.46
CA VAL B 317 13.30 20.88 15.05
C VAL B 317 13.78 20.99 16.50
N ILE B 318 14.75 21.87 16.75
CA ILE B 318 15.32 22.04 18.07
C ILE B 318 14.33 22.77 18.99
N ALA B 319 13.44 23.58 18.41
CA ALA B 319 12.38 24.23 19.14
C ALA B 319 11.44 23.20 19.76
N VAL B 320 11.24 22.07 19.06
CA VAL B 320 10.40 20.98 19.55
C VAL B 320 11.16 20.03 20.48
N ASP B 321 12.34 19.58 20.03
CA ASP B 321 13.17 18.64 20.77
C ASP B 321 14.61 19.15 20.82
N PRO B 322 15.03 19.89 21.87
CA PRO B 322 16.37 20.44 21.92
C PRO B 322 17.45 19.36 21.98
N GLY B 323 17.07 18.16 22.44
CA GLY B 323 17.98 17.02 22.46
C GLY B 323 18.43 16.52 21.08
N ALA B 324 17.75 16.98 20.02
CA ALA B 324 18.14 16.66 18.66
C ALA B 324 19.24 17.57 18.15
N THR B 325 19.48 18.69 18.84
CA THR B 325 20.55 19.59 18.46
C THR B 325 21.86 18.87 18.21
N ARG B 326 22.29 18.03 19.18
CA ARG B 326 23.59 17.38 19.10
C ARG B 326 23.63 16.40 17.92
N LEU B 327 22.49 15.77 17.61
CA LEU B 327 22.43 14.85 16.49
C LEU B 327 22.64 15.58 15.17
N LEU B 328 22.10 16.80 15.08
CA LEU B 328 22.22 17.64 13.89
C LEU B 328 23.62 18.24 13.68
N ASP B 329 24.30 18.57 14.78
CA ASP B 329 25.65 19.12 14.72
C ASP B 329 26.76 18.08 14.54
N ALA B 330 26.46 16.97 13.82
CA ALA B 330 27.49 16.16 13.17
C ALA B 330 27.50 16.45 11.66
N ALA B 331 26.33 16.27 11.03
CA ALA B 331 26.02 16.88 9.73
C ALA B 331 25.79 18.41 9.89
#